data_9GCN
#
_entry.id   9GCN
#
_cell.length_a   65.370
_cell.length_b   86.010
_cell.length_c   75.920
_cell.angle_alpha   90.000
_cell.angle_beta   94.880
_cell.angle_gamma   90.000
#
_symmetry.space_group_name_H-M   'P 1 21 1'
#
loop_
_entity.id
_entity.type
_entity.pdbx_description
1 polymer 'Protein. Variable Domain of Heavy-Chain only Antibodies (VHH)'
2 polymer Alpha-cobratoxin
3 water water
#
loop_
_entity_poly.entity_id
_entity_poly.type
_entity_poly.pdbx_seq_one_letter_code
_entity_poly.pdbx_strand_id
1 'polypeptide(L)'
;QVQLQESGGGLVQPGGSLRLSCAASGDIGGLKQMGWYRQAPGHQRELVAVKRNENEANYTESVKGRFTISRDNARKMVYL
QMNSLKPEDTAVYYCNAVVGNWYTSGYYEDTYWGQGTQVTVSS
;
D,A,B,C
2 'polypeptide(L)' IRCFITPDITSKDCPNGHVCYTKTWCDAFCSIRGKRVDLGCAATCPTVKTGVDIQCCSTDNCNPFPTRKRP Y,V,X,Z
#
# COMPACT_ATOMS: atom_id res chain seq x y z
N GLN A 1 18.06 5.09 2.41
CA GLN A 1 17.89 5.29 0.95
C GLN A 1 16.81 4.34 0.42
N VAL A 2 16.87 3.09 0.88
CA VAL A 2 15.85 2.09 0.60
C VAL A 2 15.64 1.26 1.85
N GLN A 3 14.41 1.24 2.36
CA GLN A 3 14.07 0.46 3.54
C GLN A 3 13.01 -0.58 3.18
N LEU A 4 13.33 -1.84 3.44
CA LEU A 4 12.37 -2.93 3.38
C LEU A 4 12.03 -3.32 4.81
N GLN A 5 10.75 -3.28 5.15
CA GLN A 5 10.30 -3.60 6.50
C GLN A 5 9.22 -4.67 6.42
N GLU A 6 9.39 -5.74 7.18
CA GLU A 6 8.58 -6.94 7.08
C GLU A 6 7.63 -7.06 8.26
N SER A 7 6.65 -7.93 8.11
CA SER A 7 5.71 -8.20 9.18
C SER A 7 4.84 -9.39 8.80
N GLY A 8 4.19 -9.97 9.80
CA GLY A 8 3.23 -11.04 9.59
C GLY A 8 3.66 -12.40 10.09
N GLY A 9 4.92 -12.58 10.46
CA GLY A 9 5.40 -13.86 10.93
C GLY A 9 4.74 -14.28 12.23
N GLY A 10 5.11 -15.45 12.74
CA GLY A 10 4.59 -15.93 14.01
C GLY A 10 4.63 -17.43 14.08
N LEU A 11 3.90 -17.96 15.06
CA LEU A 11 3.85 -19.39 15.35
C LEU A 11 2.49 -19.94 14.95
N VAL A 12 2.49 -21.09 14.28
CA VAL A 12 1.27 -21.70 13.75
C VAL A 12 1.39 -23.21 13.86
N GLN A 13 0.25 -23.88 13.84
CA GLN A 13 0.24 -25.33 13.86
C GLN A 13 0.33 -25.90 12.45
N PRO A 14 0.74 -27.15 12.30
CA PRO A 14 0.77 -27.77 10.98
C PRO A 14 -0.60 -27.68 10.31
N GLY A 15 -0.61 -27.22 9.06
CA GLY A 15 -1.84 -27.02 8.31
C GLY A 15 -2.41 -25.63 8.41
N GLY A 16 -1.94 -24.81 9.34
CA GLY A 16 -2.43 -23.45 9.45
C GLY A 16 -2.02 -22.61 8.26
N SER A 17 -2.18 -21.30 8.42
CA SER A 17 -1.93 -20.36 7.33
C SER A 17 -1.45 -19.03 7.91
N LEU A 18 -0.63 -18.32 7.13
CA LEU A 18 -0.10 -17.03 7.52
C LEU A 18 -0.07 -16.11 6.31
N ARG A 19 0.29 -14.86 6.55
CA ARG A 19 0.38 -13.85 5.49
C ARG A 19 1.48 -12.89 5.86
N LEU A 20 2.60 -12.93 5.13
CA LEU A 20 3.71 -12.02 5.35
C LEU A 20 3.59 -10.84 4.39
N SER A 21 4.04 -9.68 4.86
CA SER A 21 4.01 -8.46 4.06
C SER A 21 5.35 -7.75 4.21
N CYS A 22 5.82 -7.18 3.09
CA CYS A 22 7.07 -6.45 3.03
C CYS A 22 6.80 -5.12 2.36
N ALA A 23 7.04 -4.03 3.08
CA ALA A 23 6.83 -2.68 2.59
C ALA A 23 8.17 -2.05 2.25
N ALA A 24 8.26 -1.50 1.04
CA ALA A 24 9.45 -0.78 0.58
C ALA A 24 9.18 0.72 0.66
N SER A 25 10.18 1.46 1.10
CA SER A 25 10.06 2.91 1.24
C SER A 25 11.39 3.57 0.92
N GLY A 26 11.30 4.83 0.54
CA GLY A 26 12.48 5.63 0.24
C GLY A 26 12.69 5.80 -1.26
N ASP A 27 13.92 5.57 -1.71
CA ASP A 27 14.28 5.75 -3.12
C ASP A 27 13.95 4.49 -3.92
N ILE A 28 12.66 4.16 -3.95
CA ILE A 28 12.17 2.97 -4.65
C ILE A 28 11.86 3.32 -6.09
N GLY A 29 12.41 4.43 -6.58
CA GLY A 29 12.26 4.76 -7.98
C GLY A 29 12.94 3.72 -8.84
N GLY A 30 12.19 3.13 -9.76
CA GLY A 30 12.73 2.05 -10.57
C GLY A 30 12.71 0.70 -9.91
N LEU A 31 11.90 0.52 -8.87
CA LEU A 31 11.70 -0.80 -8.28
C LEU A 31 11.42 -1.82 -9.38
N LYS A 32 12.21 -2.88 -9.42
CA LYS A 32 12.23 -3.76 -10.59
C LYS A 32 11.94 -5.22 -10.28
N GLN A 33 12.16 -5.67 -9.05
CA GLN A 33 11.88 -7.07 -8.71
C GLN A 33 11.72 -7.18 -7.21
N MET A 34 10.92 -8.15 -6.76
CA MET A 34 10.76 -8.39 -5.33
C MET A 34 10.52 -9.86 -5.05
N GLY A 35 11.15 -10.37 -3.99
CA GLY A 35 11.08 -11.79 -3.70
C GLY A 35 11.16 -12.09 -2.21
N TRP A 36 10.68 -13.27 -1.87
CA TRP A 36 10.74 -13.82 -0.51
C TRP A 36 11.67 -15.02 -0.51
N TYR A 37 12.69 -14.99 0.35
CA TYR A 37 13.58 -16.13 0.57
C TYR A 37 13.46 -16.58 2.01
N ARG A 38 13.80 -17.85 2.25
CA ARG A 38 13.78 -18.41 3.59
C ARG A 38 15.19 -18.79 4.01
N GLN A 39 15.44 -18.81 5.31
CA GLN A 39 16.69 -19.32 5.86
C GLN A 39 16.39 -20.01 7.18
N ALA A 40 16.72 -21.29 7.26
CA ALA A 40 16.64 -22.05 8.50
C ALA A 40 18.03 -22.40 9.00
N PRO A 41 18.18 -22.69 10.30
CA PRO A 41 19.52 -22.99 10.83
C PRO A 41 20.26 -24.02 10.01
N GLY A 42 21.44 -23.63 9.51
CA GLY A 42 22.25 -24.48 8.67
C GLY A 42 22.06 -24.24 7.18
N HIS A 43 20.97 -23.58 6.78
CA HIS A 43 20.67 -23.33 5.38
C HIS A 43 21.30 -22.02 4.92
N GLN A 44 21.24 -21.80 3.62
CA GLN A 44 21.50 -20.48 3.03
C GLN A 44 20.17 -19.76 2.89
N ARG A 45 20.20 -18.56 2.30
CA ARG A 45 18.97 -17.82 1.99
C ARG A 45 18.39 -18.42 0.71
N GLU A 46 17.45 -19.34 0.87
CA GLU A 46 16.96 -20.14 -0.24
C GLU A 46 15.74 -19.49 -0.89
N LEU A 47 15.59 -19.74 -2.18
CA LEU A 47 14.49 -19.15 -2.94
C LEU A 47 13.16 -19.75 -2.51
N VAL A 48 12.20 -18.88 -2.20
CA VAL A 48 10.82 -19.29 -1.95
C VAL A 48 9.88 -18.77 -3.02
N ALA A 49 9.92 -17.47 -3.29
CA ALA A 49 9.09 -16.88 -4.35
C ALA A 49 9.77 -15.61 -4.84
N VAL A 50 9.45 -15.21 -6.07
CA VAL A 50 10.02 -14.02 -6.67
C VAL A 50 9.10 -13.53 -7.77
N LYS A 51 9.11 -12.21 -7.99
CA LYS A 51 8.30 -11.59 -9.03
C LYS A 51 9.08 -10.43 -9.62
N ARG A 52 9.37 -10.52 -10.92
CA ARG A 52 10.08 -9.49 -11.65
C ARG A 52 9.09 -8.76 -12.55
N ASN A 53 9.13 -7.44 -12.51
CA ASN A 53 8.18 -6.64 -13.28
C ASN A 53 8.16 -7.09 -14.73
N GLU A 54 6.96 -7.32 -15.25
CA GLU A 54 6.73 -7.72 -16.64
C GLU A 54 7.15 -9.16 -16.90
N ASN A 55 7.28 -9.96 -15.85
CA ASN A 55 7.55 -11.38 -15.94
C ASN A 55 6.54 -12.15 -15.09
N GLU A 56 6.45 -13.45 -15.35
CA GLU A 56 5.57 -14.32 -14.60
C GLU A 56 6.24 -14.74 -13.31
N ALA A 57 5.45 -14.80 -12.23
CA ALA A 57 6.01 -15.18 -10.94
C ALA A 57 6.71 -16.53 -11.05
N ASN A 58 7.81 -16.68 -10.31
CA ASN A 58 8.55 -17.93 -10.25
C ASN A 58 8.52 -18.45 -8.81
N TYR A 59 8.27 -19.74 -8.67
CA TYR A 59 8.22 -20.40 -7.37
C TYR A 59 9.21 -21.56 -7.36
N THR A 60 9.58 -21.97 -6.15
CA THR A 60 10.31 -23.22 -5.95
C THR A 60 9.28 -24.34 -5.84
N GLU A 61 9.52 -25.44 -6.54
CA GLU A 61 8.55 -26.51 -6.65
C GLU A 61 8.26 -27.19 -5.32
N SER A 62 8.90 -26.73 -4.24
CA SER A 62 8.57 -27.20 -2.90
C SER A 62 7.36 -26.50 -2.30
N VAL A 63 6.93 -25.37 -2.87
CA VAL A 63 5.85 -24.58 -2.30
C VAL A 63 4.74 -24.29 -3.32
N LYS A 64 4.89 -24.73 -4.56
CA LYS A 64 3.87 -24.46 -5.57
C LYS A 64 2.52 -24.98 -5.11
N GLY A 65 1.48 -24.18 -5.34
CA GLY A 65 0.13 -24.53 -4.93
C GLY A 65 -0.20 -24.22 -3.49
N ARG A 66 0.81 -24.00 -2.63
CA ARG A 66 0.58 -23.70 -1.23
C ARG A 66 0.88 -22.25 -0.88
N PHE A 67 1.90 -21.65 -1.50
CA PHE A 67 2.23 -20.26 -1.27
C PHE A 67 1.82 -19.43 -2.48
N THR A 68 1.67 -18.12 -2.25
CA THR A 68 1.27 -17.21 -3.31
C THR A 68 1.92 -15.86 -3.06
N ILE A 69 2.70 -15.37 -4.02
CA ILE A 69 3.33 -14.07 -3.94
C ILE A 69 2.50 -13.09 -4.74
N SER A 70 2.46 -11.84 -4.27
CA SER A 70 1.72 -10.80 -4.96
C SER A 70 2.40 -9.46 -4.71
N ARG A 71 2.27 -8.55 -5.66
CA ARG A 71 2.90 -7.23 -5.56
C ARG A 71 1.85 -6.16 -5.81
N ASP A 72 1.69 -5.25 -4.84
CA ASP A 72 0.87 -4.06 -5.02
C ASP A 72 1.82 -2.89 -5.27
N ASN A 73 1.80 -2.36 -6.48
CA ASN A 73 2.78 -1.36 -6.89
C ASN A 73 2.38 0.05 -6.49
N ALA A 74 1.09 0.32 -6.32
CA ALA A 74 0.67 1.63 -5.81
C ALA A 74 1.11 1.79 -4.36
N ARG A 75 1.04 0.72 -3.57
CA ARG A 75 1.55 0.72 -2.21
C ARG A 75 3.03 0.41 -2.14
N LYS A 76 3.62 -0.11 -3.21
CA LYS A 76 5.03 -0.53 -3.23
C LYS A 76 5.27 -1.56 -2.13
N MET A 77 4.56 -2.68 -2.23
CA MET A 77 4.61 -3.73 -1.23
C MET A 77 4.51 -5.09 -1.90
N VAL A 78 5.07 -6.10 -1.25
CA VAL A 78 4.99 -7.48 -1.74
C VAL A 78 4.53 -8.37 -0.59
N TYR A 79 3.62 -9.30 -0.88
CA TYR A 79 2.98 -10.10 0.15
C TYR A 79 3.11 -11.58 -0.22
N LEU A 80 3.21 -12.42 0.80
CA LEU A 80 3.30 -13.87 0.65
C LEU A 80 2.20 -14.51 1.48
N GLN A 81 1.20 -15.07 0.82
CA GLN A 81 0.17 -15.87 1.48
C GLN A 81 0.69 -17.29 1.60
N MET A 82 0.76 -17.81 2.83
CA MET A 82 1.35 -19.11 3.13
C MET A 82 0.25 -20.01 3.63
N ASN A 83 -0.29 -20.84 2.75
CA ASN A 83 -1.37 -21.75 3.08
C ASN A 83 -0.81 -23.15 3.38
N SER A 84 -1.56 -23.90 4.17
CA SER A 84 -1.21 -25.28 4.50
C SER A 84 0.25 -25.38 4.94
N LEU A 85 0.62 -24.54 5.91
CA LEU A 85 1.97 -24.57 6.44
C LEU A 85 2.29 -25.95 7.03
N LYS A 86 3.54 -26.34 6.91
CA LYS A 86 4.05 -27.60 7.42
C LYS A 86 5.35 -27.35 8.17
N PRO A 87 5.76 -28.29 9.03
CA PRO A 87 6.94 -28.03 9.87
C PRO A 87 8.18 -27.67 9.08
N GLU A 88 8.37 -28.24 7.89
CA GLU A 88 9.55 -27.95 7.10
C GLU A 88 9.60 -26.49 6.64
N ASP A 89 8.48 -25.78 6.71
CA ASP A 89 8.43 -24.38 6.32
C ASP A 89 8.90 -23.45 7.42
N THR A 90 9.39 -23.98 8.53
CA THR A 90 9.85 -23.15 9.63
C THR A 90 11.20 -22.52 9.30
N ALA A 91 11.29 -21.21 9.44
CA ALA A 91 12.52 -20.48 9.14
C ALA A 91 12.31 -18.97 9.28
N VAL A 92 13.39 -18.21 9.11
CA VAL A 92 13.30 -16.76 9.05
C VAL A 92 13.17 -16.37 7.59
N TYR A 93 12.10 -15.65 7.26
CA TYR A 93 11.85 -15.24 5.88
C TYR A 93 12.26 -13.80 5.68
N TYR A 94 13.07 -13.56 4.66
CA TYR A 94 13.55 -12.25 4.28
C TYR A 94 12.90 -11.87 2.96
N CYS A 95 12.63 -10.58 2.80
CA CYS A 95 12.17 -10.02 1.53
C CYS A 95 13.30 -9.20 0.93
N ASN A 96 13.65 -9.49 -0.31
CA ASN A 96 14.60 -8.67 -1.05
C ASN A 96 13.88 -7.94 -2.18
N ALA A 97 14.42 -6.79 -2.54
CA ALA A 97 13.92 -5.99 -3.64
C ALA A 97 15.10 -5.52 -4.47
N VAL A 98 15.00 -5.69 -5.78
CA VAL A 98 16.01 -5.23 -6.74
C VAL A 98 15.46 -3.98 -7.40
N VAL A 99 16.16 -2.86 -7.18
CA VAL A 99 15.78 -1.57 -7.75
C VAL A 99 16.77 -1.23 -8.84
N GLY A 100 16.26 -0.70 -9.95
CA GLY A 100 17.10 -0.32 -11.07
C GLY A 100 17.07 1.17 -11.34
N ASN A 101 18.25 1.78 -11.52
CA ASN A 101 18.34 3.22 -11.69
C ASN A 101 19.43 3.58 -12.69
N TRP A 102 19.21 4.69 -13.37
CA TRP A 102 20.14 5.21 -14.36
C TRP A 102 21.13 6.20 -13.74
N TYR A 103 22.38 6.08 -14.15
CA TYR A 103 23.45 7.03 -13.87
C TYR A 103 24.03 7.47 -15.21
N THR A 104 24.83 8.54 -15.17
CA THR A 104 25.48 8.98 -16.41
C THR A 104 26.25 7.84 -17.07
N SER A 105 26.70 6.86 -16.28
CA SER A 105 27.48 5.75 -16.78
C SER A 105 26.65 4.55 -17.21
N GLY A 106 25.37 4.50 -16.84
CA GLY A 106 24.51 3.44 -17.30
C GLY A 106 23.51 3.02 -16.23
N TYR A 107 22.76 1.97 -16.55
CA TYR A 107 21.67 1.48 -15.71
C TYR A 107 22.15 0.34 -14.82
N TYR A 108 22.03 0.52 -13.50
CA TYR A 108 22.47 -0.48 -12.55
C TYR A 108 21.29 -0.99 -11.74
N GLU A 109 21.34 -2.28 -11.39
CA GLU A 109 20.41 -2.92 -10.48
C GLU A 109 21.10 -3.21 -9.16
N ASP A 110 20.38 -2.95 -8.05
CA ASP A 110 20.91 -3.16 -6.71
C ASP A 110 19.89 -3.91 -5.86
N THR A 111 20.37 -4.86 -5.08
CA THR A 111 19.54 -5.70 -4.22
C THR A 111 19.58 -5.16 -2.80
N TYR A 112 18.41 -4.88 -2.23
CA TYR A 112 18.27 -4.52 -0.82
C TYR A 112 17.45 -5.60 -0.12
N TRP A 113 17.73 -5.81 1.16
CA TRP A 113 17.13 -6.90 1.92
C TRP A 113 16.32 -6.36 3.10
N GLY A 114 15.43 -7.21 3.62
CA GLY A 114 14.56 -6.86 4.71
C GLY A 114 15.08 -7.35 6.05
N GLN A 115 14.41 -6.89 7.11
CA GLN A 115 14.87 -7.20 8.46
C GLN A 115 14.76 -8.69 8.78
N GLY A 116 13.86 -9.41 8.12
CA GLY A 116 13.65 -10.82 8.41
C GLY A 116 12.58 -11.04 9.46
N THR A 117 11.68 -11.99 9.23
CA THR A 117 10.59 -12.27 10.17
C THR A 117 10.49 -13.78 10.38
N GLN A 118 10.28 -14.18 11.63
CA GLN A 118 10.25 -15.60 11.99
C GLN A 118 8.92 -16.23 11.61
N VAL A 119 8.98 -17.46 11.10
CA VAL A 119 7.81 -18.28 10.85
C VAL A 119 8.08 -19.65 11.44
N THR A 120 7.28 -20.06 12.41
CA THR A 120 7.46 -21.34 13.10
C THR A 120 6.19 -22.15 12.99
N VAL A 121 6.35 -23.46 12.83
CA VAL A 121 5.23 -24.38 12.65
C VAL A 121 5.45 -25.58 13.56
N SER A 122 4.52 -25.80 14.49
CA SER A 122 4.62 -26.90 15.45
C SER A 122 3.30 -27.09 16.20
N ILE B 1 -25.40 -23.50 7.84
CA ILE B 1 -25.25 -23.09 9.27
C ILE B 1 -25.48 -21.59 9.38
N ARG B 2 -26.37 -21.18 10.29
CA ARG B 2 -26.65 -19.77 10.51
C ARG B 2 -25.77 -19.27 11.65
N CYS B 3 -24.97 -18.25 11.37
CA CYS B 3 -23.98 -17.73 12.31
C CYS B 3 -24.13 -16.22 12.44
N PHE B 4 -23.66 -15.67 13.56
CA PHE B 4 -23.53 -14.23 13.70
C PHE B 4 -22.27 -13.76 12.99
N ILE B 5 -22.38 -12.64 12.28
CA ILE B 5 -21.25 -12.08 11.55
C ILE B 5 -21.14 -10.60 11.85
N THR B 6 -19.90 -10.12 11.85
CA THR B 6 -19.47 -8.75 12.04
C THR B 6 -19.21 -8.09 10.69
N PRO B 7 -19.16 -6.75 10.63
CA PRO B 7 -19.34 -5.78 11.73
C PRO B 7 -20.79 -5.60 12.15
N ASP B 8 -21.75 -6.19 11.44
CA ASP B 8 -23.16 -6.02 11.77
C ASP B 8 -23.61 -6.85 12.96
N ILE B 9 -22.78 -7.80 13.43
CA ILE B 9 -23.15 -8.76 14.48
C ILE B 9 -24.60 -9.22 14.28
N THR B 10 -24.94 -9.62 13.07
CA THR B 10 -26.29 -10.09 12.78
C THR B 10 -26.23 -11.53 12.29
N SER B 11 -27.36 -12.21 12.38
CA SER B 11 -27.46 -13.60 11.95
C SER B 11 -27.54 -13.68 10.44
N LYS B 12 -26.79 -14.61 9.87
CA LYS B 12 -26.75 -14.82 8.42
C LYS B 12 -26.60 -16.31 8.17
N ASP B 13 -27.30 -16.80 7.15
CA ASP B 13 -27.22 -18.21 6.77
C ASP B 13 -26.03 -18.40 5.84
N CYS B 14 -25.13 -19.31 6.22
CA CYS B 14 -23.92 -19.55 5.45
C CYS B 14 -24.04 -20.89 4.72
N PRO B 15 -24.29 -20.90 3.42
CA PRO B 15 -24.26 -22.16 2.68
C PRO B 15 -22.84 -22.68 2.57
N ASN B 16 -22.70 -24.01 2.63
CA ASN B 16 -21.42 -24.72 2.62
C ASN B 16 -20.61 -24.49 3.89
N GLY B 17 -21.13 -23.71 4.84
CA GLY B 17 -20.45 -23.52 6.12
C GLY B 17 -21.02 -24.47 7.16
N HIS B 18 -20.12 -25.00 8.00
CA HIS B 18 -20.49 -25.97 9.00
C HIS B 18 -20.16 -25.56 10.43
N VAL B 19 -19.51 -24.42 10.63
CA VAL B 19 -19.05 -24.02 11.95
C VAL B 19 -19.20 -22.52 12.11
N CYS B 20 -19.67 -22.10 13.28
CA CYS B 20 -19.64 -20.71 13.70
C CYS B 20 -18.42 -20.51 14.59
N TYR B 21 -17.78 -19.35 14.47
CA TYR B 21 -16.56 -19.13 15.23
C TYR B 21 -16.52 -17.70 15.77
N THR B 22 -16.00 -17.60 17.00
CA THR B 22 -15.70 -16.33 17.65
C THR B 22 -14.19 -16.24 17.86
N LYS B 23 -13.56 -15.22 17.28
CA LYS B 23 -12.12 -15.09 17.26
C LYS B 23 -11.72 -13.80 17.96
N THR B 24 -10.97 -13.91 19.05
CA THR B 24 -10.57 -12.76 19.86
C THR B 24 -9.06 -12.63 19.84
N TRP B 25 -8.58 -11.38 19.72
CA TRP B 25 -7.14 -11.12 19.58
C TRP B 25 -6.85 -9.66 19.88
N CYS B 26 -5.66 -9.40 20.42
CA CYS B 26 -5.25 -8.05 20.78
C CYS B 26 -4.67 -7.29 19.59
N ASP B 27 -5.06 -6.01 19.47
CA ASP B 27 -4.43 -5.08 18.56
C ASP B 27 -3.69 -4.01 19.39
N ALA B 28 -3.47 -2.84 18.79
CA ALA B 28 -2.76 -1.78 19.48
C ALA B 28 -3.56 -1.18 20.63
N PHE B 29 -4.87 -1.37 20.66
CA PHE B 29 -5.72 -0.82 21.71
C PHE B 29 -6.19 -1.87 22.71
N CYS B 30 -5.58 -3.06 22.71
CA CYS B 30 -6.11 -4.15 23.54
C CYS B 30 -6.14 -3.77 25.01
N SER B 31 -5.20 -2.93 25.46
CA SER B 31 -5.14 -2.59 26.88
C SER B 31 -6.19 -1.56 27.28
N ILE B 32 -6.55 -0.65 26.38
CA ILE B 32 -7.50 0.41 26.69
C ILE B 32 -8.93 -0.01 26.39
N ARG B 33 -9.17 -0.59 25.22
CA ARG B 33 -10.51 -0.86 24.72
C ARG B 33 -10.96 -2.27 25.06
N GLY B 34 -10.09 -3.25 24.82
CA GLY B 34 -10.43 -4.64 25.01
C GLY B 34 -9.90 -5.47 23.85
N LYS B 35 -10.23 -6.75 23.84
CA LYS B 35 -9.71 -7.66 22.83
C LYS B 35 -10.59 -7.62 21.59
N ARG B 36 -10.00 -7.28 20.44
CA ARG B 36 -10.71 -7.35 19.17
C ARG B 36 -11.48 -8.65 19.04
N VAL B 37 -12.72 -8.56 18.55
CA VAL B 37 -13.61 -9.70 18.40
C VAL B 37 -14.13 -9.75 16.97
N ASP B 38 -14.02 -10.92 16.35
CA ASP B 38 -14.55 -11.15 15.01
C ASP B 38 -15.44 -12.39 15.06
N LEU B 39 -16.69 -12.23 14.63
CA LEU B 39 -17.64 -13.34 14.56
C LEU B 39 -17.81 -13.74 13.11
N GLY B 40 -17.83 -15.05 12.85
CA GLY B 40 -17.95 -15.49 11.48
C GLY B 40 -18.39 -16.93 11.36
N CYS B 41 -18.45 -17.38 10.11
CA CYS B 41 -18.78 -18.76 9.78
C CYS B 41 -17.71 -19.32 8.86
N ALA B 42 -17.59 -20.64 8.86
CA ALA B 42 -16.59 -21.32 8.05
C ALA B 42 -17.03 -22.75 7.82
N ALA B 43 -16.36 -23.41 6.87
CA ALA B 43 -16.60 -24.82 6.64
C ALA B 43 -15.85 -25.67 7.67
N THR B 44 -14.65 -25.24 8.07
CA THR B 44 -13.88 -25.91 9.09
C THR B 44 -13.46 -24.89 10.14
N CYS B 45 -13.19 -25.38 11.34
CA CYS B 45 -12.75 -24.51 12.43
C CYS B 45 -11.44 -23.83 12.05
N PRO B 46 -11.40 -22.50 11.93
CA PRO B 46 -10.17 -21.86 11.44
C PRO B 46 -8.96 -22.16 12.30
N THR B 47 -7.82 -22.33 11.64
CA THR B 47 -6.54 -22.44 12.34
C THR B 47 -6.01 -21.04 12.62
N VAL B 48 -5.61 -20.79 13.87
CA VAL B 48 -5.25 -19.46 14.31
C VAL B 48 -3.80 -19.45 14.79
N LYS B 49 -3.26 -18.24 14.90
CA LYS B 49 -1.90 -18.05 15.40
C LYS B 49 -1.91 -18.25 16.91
N THR B 50 -0.77 -17.99 17.57
CA THR B 50 -0.67 -18.25 19.00
C THR B 50 -1.54 -17.29 19.81
N GLY B 51 -1.28 -15.99 19.70
CA GLY B 51 -2.00 -15.01 20.49
C GLY B 51 -3.45 -14.81 20.10
N VAL B 52 -3.98 -15.61 19.18
CA VAL B 52 -5.36 -15.49 18.73
C VAL B 52 -6.16 -16.63 19.35
N ASP B 53 -7.17 -16.29 20.14
CA ASP B 53 -8.07 -17.26 20.73
C ASP B 53 -9.28 -17.45 19.83
N ILE B 54 -9.80 -18.68 19.78
CA ILE B 54 -10.89 -19.02 18.88
C ILE B 54 -11.83 -20.00 19.57
N GLN B 55 -13.13 -19.84 19.32
CA GLN B 55 -14.16 -20.73 19.83
C GLN B 55 -15.01 -21.16 18.64
N CYS B 56 -14.99 -22.45 18.33
CA CYS B 56 -15.76 -23.02 17.22
C CYS B 56 -16.92 -23.84 17.76
N CYS B 57 -18.07 -23.73 17.11
CA CYS B 57 -19.25 -24.50 17.48
C CYS B 57 -20.03 -24.86 16.23
N SER B 58 -20.88 -25.88 16.35
CA SER B 58 -21.63 -26.41 15.22
C SER B 58 -23.11 -26.07 15.26
N THR B 59 -23.61 -25.55 16.38
CA THR B 59 -25.00 -25.19 16.49
C THR B 59 -25.28 -23.91 15.70
N ASP B 60 -26.56 -23.65 15.44
CA ASP B 60 -26.98 -22.40 14.81
C ASP B 60 -27.01 -21.28 15.84
N ASN B 61 -26.44 -20.14 15.47
CA ASN B 61 -26.42 -18.96 16.34
C ASN B 61 -25.78 -19.28 17.69
N CYS B 62 -24.61 -19.91 17.65
CA CYS B 62 -23.86 -20.28 18.84
C CYS B 62 -22.60 -19.46 19.01
N ASN B 63 -22.49 -18.33 18.31
CA ASN B 63 -21.37 -17.39 18.46
C ASN B 63 -21.89 -15.99 18.75
N PRO B 64 -22.65 -15.81 19.83
CA PRO B 64 -23.08 -14.47 20.21
C PRO B 64 -21.88 -13.63 20.64
N PHE B 65 -22.16 -12.35 20.90
CA PHE B 65 -21.11 -11.39 21.19
C PHE B 65 -21.02 -11.13 22.68
N PRO B 66 -19.86 -11.37 23.32
CA PRO B 66 -19.67 -10.95 24.72
C PRO B 66 -19.39 -9.45 24.82
N ILE C 1 26.08 42.65 15.88
CA ILE C 1 24.66 43.02 16.07
C ILE C 1 24.00 42.05 17.04
N ARG C 2 23.34 42.58 18.07
CA ARG C 2 22.63 41.75 19.04
C ARG C 2 21.18 41.64 18.59
N CYS C 3 20.70 40.40 18.44
CA CYS C 3 19.36 40.14 17.96
C CYS C 3 18.68 39.16 18.91
N PHE C 4 17.36 39.21 18.94
CA PHE C 4 16.58 38.20 19.65
C PHE C 4 16.46 36.95 18.78
N ILE C 5 16.62 35.79 19.42
CA ILE C 5 16.55 34.51 18.72
C ILE C 5 15.63 33.57 19.48
N THR C 6 14.92 32.74 18.70
CA THR C 6 14.02 31.67 19.13
C THR C 6 14.75 30.34 19.07
N PRO C 7 14.24 29.32 19.78
CA PRO C 7 13.06 29.30 20.65
C PRO C 7 13.29 29.97 22.01
N ASP C 8 14.52 30.40 22.32
CA ASP C 8 14.81 31.00 23.61
C ASP C 8 14.31 32.43 23.72
N ILE C 9 13.91 33.05 22.60
CA ILE C 9 13.53 34.46 22.54
C ILE C 9 14.45 35.28 23.43
N THR C 10 15.76 35.06 23.31
CA THR C 10 16.73 35.80 24.08
C THR C 10 17.69 36.55 23.18
N SER C 11 18.31 37.59 23.73
CA SER C 11 19.27 38.39 22.97
C SER C 11 20.61 37.67 22.89
N LYS C 12 21.19 37.68 21.68
CA LYS C 12 22.47 37.05 21.42
C LYS C 12 23.23 37.89 20.40
N ASP C 13 24.54 38.00 20.59
CA ASP C 13 25.39 38.75 19.68
C ASP C 13 25.80 37.87 18.50
N CYS C 14 25.54 38.34 17.29
CA CYS C 14 25.82 37.58 16.08
C CYS C 14 27.03 38.16 15.37
N PRO C 15 28.19 37.51 15.41
CA PRO C 15 29.33 38.02 14.62
C PRO C 15 29.08 37.84 13.13
N ASN C 16 29.53 38.83 12.35
CA ASN C 16 29.33 38.93 10.92
C ASN C 16 27.87 39.13 10.53
N GLY C 17 26.96 39.20 11.50
CA GLY C 17 25.56 39.49 11.23
C GLY C 17 25.29 40.97 11.42
N HIS C 18 24.48 41.53 10.53
CA HIS C 18 24.17 42.96 10.53
C HIS C 18 22.69 43.27 10.62
N VAL C 19 21.81 42.28 10.62
CA VAL C 19 20.38 42.52 10.55
C VAL C 19 19.65 41.55 11.48
N CYS C 20 18.66 42.08 12.19
CA CYS C 20 17.73 41.28 12.96
C CYS C 20 16.45 41.12 12.13
N TYR C 21 15.82 39.95 12.22
CA TYR C 21 14.63 39.70 11.42
C TYR C 21 13.57 38.97 12.23
N THR C 22 12.32 39.36 11.98
CA THR C 22 11.14 38.71 12.51
C THR C 22 10.35 38.14 11.34
N LYS C 23 10.17 36.83 11.31
CA LYS C 23 9.56 36.13 10.18
C LYS C 23 8.31 35.41 10.66
N THR C 24 7.17 35.77 10.08
CA THR C 24 5.88 35.18 10.45
C THR C 24 5.31 34.43 9.25
N TRP C 25 4.75 33.25 9.50
CA TRP C 25 4.28 32.39 8.43
C TRP C 25 3.32 31.32 8.97
N CYS C 26 2.35 30.93 8.14
CA CYS C 26 1.36 29.95 8.57
C CYS C 26 1.88 28.52 8.38
N ASP C 27 1.62 27.68 9.38
CA ASP C 27 1.84 26.25 9.28
C ASP C 27 0.48 25.55 9.23
N ALA C 28 0.47 24.26 9.56
CA ALA C 28 -0.79 23.50 9.51
C ALA C 28 -1.77 23.93 10.60
N PHE C 29 -1.28 24.59 11.66
CA PHE C 29 -2.13 25.05 12.76
C PHE C 29 -2.42 26.54 12.71
N CYS C 30 -2.13 27.20 11.58
CA CYS C 30 -2.26 28.66 11.51
C CYS C 30 -3.67 29.12 11.87
N SER C 31 -4.68 28.28 11.61
CA SER C 31 -6.06 28.68 11.88
C SER C 31 -6.42 28.57 13.35
N ILE C 32 -5.80 27.64 14.09
CA ILE C 32 -6.10 27.45 15.50
C ILE C 32 -5.19 28.29 16.39
N ARG C 33 -3.88 28.23 16.12
CA ARG C 33 -2.89 28.78 17.03
C ARG C 33 -2.50 30.21 16.67
N GLY C 34 -2.22 30.45 15.40
CA GLY C 34 -1.73 31.72 14.95
C GLY C 34 -0.60 31.51 13.98
N LYS C 35 0.03 32.61 13.59
CA LYS C 35 1.09 32.60 12.60
C LYS C 35 2.41 32.29 13.30
N ARG C 36 3.05 31.19 12.90
CA ARG C 36 4.38 30.85 13.38
C ARG C 36 5.31 32.05 13.32
N VAL C 37 6.12 32.21 14.37
CA VAL C 37 7.03 33.35 14.51
C VAL C 37 8.44 32.83 14.74
N ASP C 38 9.39 33.30 13.94
CA ASP C 38 10.79 32.97 14.08
C ASP C 38 11.59 34.28 14.14
N LEU C 39 12.35 34.45 15.22
CA LEU C 39 13.22 35.61 15.38
C LEU C 39 14.66 35.17 15.17
N GLY C 40 15.42 35.98 14.44
CA GLY C 40 16.80 35.58 14.19
C GLY C 40 17.65 36.75 13.74
N CYS C 41 18.91 36.41 13.41
CA CYS C 41 19.86 37.36 12.89
C CYS C 41 20.44 36.83 11.59
N ALA C 42 20.95 37.75 10.78
CA ALA C 42 21.52 37.41 9.49
C ALA C 42 22.47 38.52 9.08
N ALA C 43 23.30 38.22 8.08
CA ALA C 43 24.15 39.25 7.49
C ALA C 43 23.35 40.11 6.51
N THR C 44 22.42 39.50 5.79
CA THR C 44 21.52 40.21 4.90
C THR C 44 20.09 39.78 5.19
N CYS C 45 19.15 40.65 4.84
CA CYS C 45 17.73 40.37 5.05
C CYS C 45 17.33 39.14 4.22
N PRO C 46 16.89 38.05 4.85
CA PRO C 46 16.59 36.83 4.09
C PRO C 46 15.53 37.07 3.02
N THR C 47 15.68 36.36 1.92
CA THR C 47 14.66 36.32 0.88
C THR C 47 13.58 35.32 1.31
N VAL C 48 12.32 35.72 1.23
CA VAL C 48 11.22 34.95 1.78
C VAL C 48 10.28 34.50 0.68
N LYS C 49 9.46 33.51 1.01
CA LYS C 49 8.46 32.98 0.09
C LYS C 49 7.27 33.94 0.04
N THR C 50 6.20 33.54 -0.65
CA THR C 50 5.05 34.42 -0.82
C THR C 50 4.29 34.60 0.49
N GLY C 51 3.76 33.51 1.04
CA GLY C 51 2.97 33.58 2.26
C GLY C 51 3.73 33.89 3.52
N VAL C 52 5.03 34.18 3.42
CA VAL C 52 5.86 34.45 4.58
C VAL C 52 6.12 35.94 4.66
N ASP C 53 5.69 36.58 5.76
CA ASP C 53 5.97 37.97 6.00
C ASP C 53 7.24 38.11 6.82
N ILE C 54 8.00 39.16 6.55
CA ILE C 54 9.29 39.35 7.20
C ILE C 54 9.53 40.84 7.48
N GLN C 55 10.15 41.11 8.62
CA GLN C 55 10.53 42.47 9.00
C GLN C 55 12.00 42.45 9.40
N CYS C 56 12.83 43.15 8.63
CA CYS C 56 14.26 43.23 8.88
C CYS C 56 14.61 44.63 9.39
N CYS C 57 15.51 44.69 10.36
CA CYS C 57 15.96 45.96 10.94
C CYS C 57 17.43 45.86 11.30
N SER C 58 18.06 47.03 11.45
CA SER C 58 19.50 47.13 11.69
C SER C 58 19.85 47.56 13.10
N THR C 59 18.88 48.04 13.89
CA THR C 59 19.16 48.46 15.25
C THR C 59 19.42 47.23 16.13
N ASP C 60 19.99 47.48 17.31
CA ASP C 60 20.20 46.42 18.29
C ASP C 60 18.90 46.12 19.02
N ASN C 61 18.56 44.83 19.09
CA ASN C 61 17.37 44.37 19.80
C ASN C 61 16.12 45.07 19.28
N CYS C 62 15.96 45.07 17.95
CA CYS C 62 14.84 45.71 17.29
C CYS C 62 13.87 44.69 16.68
N ASN C 63 13.97 43.43 17.09
CA ASN C 63 13.02 42.39 16.67
C ASN C 63 12.44 41.69 17.89
N PRO C 64 11.82 42.43 18.80
CA PRO C 64 11.16 41.77 19.93
C PRO C 64 10.00 40.92 19.43
N PHE C 65 9.45 40.13 20.33
CA PHE C 65 8.41 39.19 19.93
C PHE C 65 7.04 39.67 20.39
N PRO C 66 6.09 39.88 19.46
CA PRO C 66 4.71 40.21 19.83
C PRO C 66 3.90 39.02 20.31
N ILE D 1 -1.91 -37.78 -0.14
CA ILE D 1 -2.26 -38.58 -1.36
C ILE D 1 -2.00 -37.72 -2.59
N ARG D 2 -1.25 -38.27 -3.55
CA ARG D 2 -0.95 -37.57 -4.78
C ARG D 2 -1.99 -37.94 -5.83
N CYS D 3 -2.65 -36.92 -6.38
CA CYS D 3 -3.74 -37.11 -7.34
C CYS D 3 -3.52 -36.24 -8.56
N PHE D 4 -4.11 -36.65 -9.67
CA PHE D 4 -4.14 -35.81 -10.86
C PHE D 4 -5.21 -34.74 -10.72
N ILE D 5 -4.87 -33.52 -11.12
CA ILE D 5 -5.80 -32.39 -11.05
C ILE D 5 -5.81 -31.65 -12.38
N THR D 6 -6.99 -31.12 -12.72
CA THR D 6 -7.30 -30.30 -13.88
C THR D 6 -7.30 -28.82 -13.50
N PRO D 7 -7.19 -27.90 -14.47
CA PRO D 7 -7.07 -28.12 -15.92
C PRO D 7 -5.66 -28.55 -16.34
N ASP D 8 -4.70 -28.57 -15.41
CA ASP D 8 -3.33 -28.92 -15.74
C ASP D 8 -3.14 -30.42 -15.95
N ILE D 9 -4.12 -31.24 -15.58
CA ILE D 9 -4.03 -32.70 -15.62
C ILE D 9 -2.65 -33.15 -15.17
N THR D 10 -2.17 -32.62 -14.06
CA THR D 10 -0.86 -32.99 -13.52
C THR D 10 -1.01 -33.55 -12.11
N SER D 11 0.00 -34.32 -11.70
CA SER D 11 0.01 -34.91 -10.38
C SER D 11 0.41 -33.88 -9.33
N LYS D 12 -0.31 -33.87 -8.21
CA LYS D 12 -0.07 -32.94 -7.12
C LYS D 12 -0.31 -33.66 -5.80
N ASP D 13 0.52 -33.35 -4.80
CA ASP D 13 0.37 -33.97 -3.48
C ASP D 13 -0.66 -33.18 -2.69
N CYS D 14 -1.69 -33.88 -2.20
CA CYS D 14 -2.79 -33.25 -1.49
C CYS D 14 -2.70 -33.55 0.00
N PRO D 15 -2.29 -32.59 0.84
CA PRO D 15 -2.34 -32.83 2.29
C PRO D 15 -3.77 -32.89 2.78
N ASN D 16 -4.01 -33.78 3.74
CA ASN D 16 -5.33 -34.06 4.33
C ASN D 16 -6.30 -34.70 3.34
N GLY D 17 -5.88 -34.97 2.10
CA GLY D 17 -6.71 -35.67 1.14
C GLY D 17 -6.39 -37.16 1.14
N HIS D 18 -7.44 -37.96 1.01
CA HIS D 18 -7.31 -39.41 1.09
C HIS D 18 -7.80 -40.15 -0.15
N VAL D 19 -8.39 -39.45 -1.12
CA VAL D 19 -9.01 -40.08 -2.28
C VAL D 19 -8.76 -39.24 -3.52
N CYS D 20 -8.46 -39.90 -4.63
CA CYS D 20 -8.43 -39.29 -5.95
C CYS D 20 -9.77 -39.57 -6.63
N TYR D 21 -10.27 -38.59 -7.38
CA TYR D 21 -11.58 -38.76 -8.00
C TYR D 21 -11.60 -38.20 -9.41
N THR D 22 -12.31 -38.90 -10.29
CA THR D 22 -12.61 -38.47 -11.64
C THR D 22 -14.13 -38.28 -11.72
N LYS D 23 -14.57 -37.06 -12.03
CA LYS D 23 -15.98 -36.71 -12.00
C LYS D 23 -16.41 -36.29 -13.40
N THR D 24 -17.36 -37.02 -13.98
CA THR D 24 -17.83 -36.79 -15.33
C THR D 24 -19.30 -36.39 -15.32
N TRP D 25 -19.64 -35.41 -16.15
CA TRP D 25 -21.00 -34.87 -16.16
C TRP D 25 -21.23 -34.10 -17.45
N CYS D 26 -22.47 -34.13 -17.95
CA CYS D 26 -22.82 -33.47 -19.19
C CYS D 26 -23.15 -31.99 -18.98
N ASP D 27 -22.64 -31.15 -19.87
CA ASP D 27 -23.02 -29.75 -19.97
C ASP D 27 -23.81 -29.54 -21.27
N ALA D 28 -23.85 -28.29 -21.73
CA ALA D 28 -24.57 -27.98 -22.96
C ALA D 28 -23.90 -28.57 -24.19
N PHE D 29 -22.62 -28.97 -24.08
CA PHE D 29 -21.86 -29.53 -25.19
C PHE D 29 -21.70 -31.04 -25.09
N CYS D 30 -22.44 -31.69 -24.19
CA CYS D 30 -22.21 -33.13 -23.98
C CYS D 30 -22.45 -33.93 -25.25
N SER D 31 -23.35 -33.46 -26.12
CA SER D 31 -23.67 -34.21 -27.33
C SER D 31 -22.64 -34.02 -28.43
N ILE D 32 -22.00 -32.86 -28.49
CA ILE D 32 -21.03 -32.57 -29.55
C ILE D 32 -19.62 -32.97 -29.13
N ARG D 33 -19.23 -32.60 -27.92
CA ARG D 33 -17.85 -32.74 -27.45
C ARG D 33 -17.63 -34.02 -26.65
N GLY D 34 -18.50 -34.29 -25.71
CA GLY D 34 -18.36 -35.39 -24.78
C GLY D 34 -18.71 -34.91 -23.40
N LYS D 35 -18.52 -35.80 -22.43
CA LYS D 35 -18.90 -35.53 -21.05
C LYS D 35 -17.76 -34.78 -20.35
N ARG D 36 -18.07 -33.59 -19.83
CA ARG D 36 -17.11 -32.83 -19.02
C ARG D 36 -16.42 -33.73 -18.01
N VAL D 37 -15.10 -33.54 -17.87
CA VAL D 37 -14.26 -34.35 -16.99
C VAL D 37 -13.50 -33.43 -16.05
N ASP D 38 -13.58 -33.71 -14.74
CA ASP D 38 -12.82 -32.98 -13.73
C ASP D 38 -12.07 -33.99 -12.87
N LEU D 39 -10.75 -33.82 -12.78
CA LEU D 39 -9.91 -34.67 -11.95
C LEU D 39 -9.51 -33.90 -10.70
N GLY D 40 -9.56 -34.58 -9.55
CA GLY D 40 -9.24 -33.89 -8.32
C GLY D 40 -8.93 -34.83 -7.18
N CYS D 41 -8.70 -34.24 -6.01
CA CYS D 41 -8.46 -34.99 -4.78
C CYS D 41 -9.41 -34.48 -3.70
N ALA D 42 -9.64 -35.33 -2.71
CA ALA D 42 -10.55 -35.00 -1.62
C ALA D 42 -10.19 -35.84 -0.41
N ALA D 43 -10.75 -35.47 0.74
CA ALA D 43 -10.57 -36.28 1.94
C ALA D 43 -11.53 -37.47 1.94
N THR D 44 -12.75 -37.29 1.44
CA THR D 44 -13.71 -38.36 1.27
C THR D 44 -14.26 -38.32 -0.14
N CYS D 45 -14.74 -39.47 -0.61
CA CYS D 45 -15.29 -39.55 -1.95
C CYS D 45 -16.49 -38.61 -2.06
N PRO D 46 -16.44 -37.59 -2.90
CA PRO D 46 -17.54 -36.61 -2.93
C PRO D 46 -18.88 -37.25 -3.28
N THR D 47 -19.94 -36.73 -2.67
CA THR D 47 -21.30 -37.11 -3.03
C THR D 47 -21.75 -36.31 -4.25
N VAL D 48 -22.31 -37.00 -5.24
CA VAL D 48 -22.64 -36.41 -6.52
C VAL D 48 -24.14 -36.52 -6.76
N LYS D 49 -24.62 -35.72 -7.71
CA LYS D 49 -26.03 -35.73 -8.11
C LYS D 49 -26.30 -36.94 -9.00
N THR D 50 -27.51 -36.99 -9.58
CA THR D 50 -27.92 -38.14 -10.37
C THR D 50 -27.12 -38.24 -11.66
N GLY D 51 -27.21 -37.22 -12.52
CA GLY D 51 -26.52 -37.24 -13.80
C GLY D 51 -25.02 -37.11 -13.71
N VAL D 52 -24.45 -37.07 -12.51
CA VAL D 52 -23.02 -36.90 -12.32
C VAL D 52 -22.43 -38.26 -11.95
N ASP D 53 -21.55 -38.78 -12.80
CA ASP D 53 -20.84 -40.01 -12.51
C ASP D 53 -19.50 -39.67 -11.86
N ILE D 54 -19.06 -40.55 -10.97
CA ILE D 54 -17.84 -40.32 -10.20
C ILE D 54 -17.09 -41.63 -10.04
N GLN D 55 -15.76 -41.56 -10.07
CA GLN D 55 -14.88 -42.70 -9.87
C GLN D 55 -13.84 -42.32 -8.83
N CYS D 56 -13.90 -42.97 -7.67
CA CYS D 56 -12.98 -42.69 -6.56
C CYS D 56 -12.01 -43.85 -6.39
N CYS D 57 -10.75 -43.51 -6.10
CA CYS D 57 -9.71 -44.50 -5.83
C CYS D 57 -8.79 -43.95 -4.75
N SER D 58 -8.04 -44.86 -4.11
CA SER D 58 -7.20 -44.50 -2.98
C SER D 58 -5.71 -44.51 -3.28
N THR D 59 -5.30 -45.08 -4.41
CA THR D 59 -3.88 -45.12 -4.77
C THR D 59 -3.42 -43.74 -5.22
N ASP D 60 -2.09 -43.56 -5.28
CA ASP D 60 -1.52 -42.33 -5.82
C ASP D 60 -1.55 -42.36 -7.33
N ASN D 61 -2.03 -41.27 -7.93
CA ASN D 61 -2.09 -41.13 -9.39
C ASN D 61 -2.87 -42.30 -10.02
N CYS D 62 -4.05 -42.57 -9.46
CA CYS D 62 -4.93 -43.62 -9.94
C CYS D 62 -6.18 -43.07 -10.61
N ASN D 63 -6.20 -41.78 -10.96
CA ASN D 63 -7.29 -41.18 -11.71
C ASN D 63 -6.75 -40.46 -12.93
N PRO D 64 -6.03 -41.19 -13.81
CA PRO D 64 -5.57 -40.57 -15.05
C PRO D 64 -6.73 -40.20 -15.96
N PHE D 65 -6.42 -39.55 -17.09
CA PHE D 65 -7.45 -39.02 -17.96
C PHE D 65 -7.67 -39.96 -19.15
N PRO D 66 -8.88 -40.46 -19.38
CA PRO D 66 -9.15 -41.25 -20.59
C PRO D 66 -9.28 -40.38 -21.84
N ILE E 1 2.92 17.13 -25.13
CA ILE E 1 4.38 17.12 -25.42
C ILE E 1 4.92 15.72 -25.16
N ARG E 2 5.62 15.16 -26.14
CA ARG E 2 6.20 13.82 -26.01
C ARG E 2 7.63 13.92 -25.51
N CYS E 3 7.92 13.23 -24.41
CA CYS E 3 9.20 13.31 -23.74
C CYS E 3 9.75 11.91 -23.48
N PHE E 4 11.07 11.83 -23.32
CA PHE E 4 11.69 10.59 -22.88
C PHE E 4 11.50 10.43 -21.38
N ILE E 5 11.17 9.21 -20.95
CA ILE E 5 10.96 8.90 -19.54
C ILE E 5 11.73 7.63 -19.20
N THR E 6 12.21 7.60 -17.95
CA THR E 6 12.92 6.49 -17.31
C THR E 6 11.96 5.67 -16.46
N PRO E 7 12.34 4.44 -16.09
CA PRO E 7 13.59 3.73 -16.41
C PRO E 7 13.64 3.20 -17.84
N ASP E 8 12.54 3.29 -18.59
CA ASP E 8 12.50 2.76 -19.94
C ASP E 8 13.22 3.65 -20.96
N ILE E 9 13.57 4.87 -20.58
CA ILE E 9 14.15 5.87 -21.49
C ILE E 9 13.45 5.81 -22.84
N THR E 10 12.12 5.80 -22.84
CA THR E 10 11.34 5.76 -24.05
C THR E 10 10.44 6.98 -24.15
N SER E 11 10.02 7.29 -25.37
CA SER E 11 9.16 8.44 -25.62
C SER E 11 7.73 8.14 -25.21
N LYS E 12 7.10 9.11 -24.54
CA LYS E 12 5.73 8.98 -24.06
C LYS E 12 5.06 10.33 -24.20
N ASP E 13 3.77 10.30 -24.58
CA ASP E 13 2.99 11.52 -24.73
C ASP E 13 2.42 11.91 -23.37
N CYS E 14 2.70 13.14 -22.94
CA CYS E 14 2.28 13.63 -21.63
C CYS E 14 1.15 14.62 -21.77
N PRO E 15 -0.09 14.26 -21.43
CA PRO E 15 -1.16 15.26 -21.42
C PRO E 15 -0.97 16.26 -20.30
N ASN E 16 -1.31 17.52 -20.58
CA ASN E 16 -1.15 18.66 -19.68
C ASN E 16 0.31 19.01 -19.44
N GLY E 17 1.27 18.31 -20.06
CA GLY E 17 2.68 18.63 -19.95
C GLY E 17 3.13 19.49 -21.11
N HIS E 18 4.00 20.46 -20.82
CA HIS E 18 4.49 21.40 -21.83
C HIS E 18 6.01 21.38 -21.97
N VAL E 19 6.73 20.64 -21.14
CA VAL E 19 8.19 20.71 -21.10
C VAL E 19 8.75 19.31 -20.85
N CYS E 20 9.85 19.01 -21.54
CA CYS E 20 10.66 17.84 -21.26
C CYS E 20 11.84 18.26 -20.38
N TYR E 21 12.23 17.40 -19.44
CA TYR E 21 13.29 17.76 -18.52
C TYR E 21 14.22 16.59 -18.26
N THR E 22 15.50 16.91 -18.12
CA THR E 22 16.54 15.98 -17.70
C THR E 22 17.07 16.46 -16.36
N LYS E 23 16.96 15.62 -15.32
CA LYS E 23 17.30 16.00 -13.96
C LYS E 23 18.41 15.09 -13.46
N THR E 24 19.55 15.69 -13.12
CA THR E 24 20.73 14.96 -12.69
C THR E 24 21.08 15.35 -11.26
N TRP E 25 21.43 14.34 -10.45
CA TRP E 25 21.69 14.56 -9.03
C TRP E 25 22.48 13.40 -8.46
N CYS E 26 23.34 13.70 -7.48
CA CYS E 26 24.17 12.68 -6.87
C CYS E 26 23.44 11.95 -5.75
N ASP E 27 23.60 10.63 -5.73
CA ASP E 27 23.17 9.78 -4.62
C ASP E 27 24.41 9.25 -3.91
N ALA E 28 24.26 8.13 -3.19
CA ALA E 28 25.37 7.56 -2.47
C ALA E 28 26.45 6.98 -3.40
N PHE E 29 26.11 6.74 -4.66
CA PHE E 29 27.04 6.15 -5.62
C PHE E 29 27.60 7.18 -6.60
N CYS E 30 27.41 8.47 -6.35
CA CYS E 30 27.81 9.46 -7.34
C CYS E 30 29.31 9.38 -7.63
N SER E 31 30.12 8.95 -6.66
CA SER E 31 31.56 8.90 -6.86
C SER E 31 31.98 7.67 -7.66
N ILE E 32 31.26 6.57 -7.55
CA ILE E 32 31.62 5.33 -8.23
C ILE E 32 30.96 5.24 -9.60
N ARG E 33 29.66 5.51 -9.65
CA ARG E 33 28.84 5.26 -10.83
C ARG E 33 28.67 6.49 -11.71
N GLY E 34 28.34 7.62 -11.10
CA GLY E 34 28.03 8.83 -11.80
C GLY E 34 26.81 9.48 -11.19
N LYS E 35 26.35 10.55 -11.82
CA LYS E 35 25.24 11.33 -11.31
C LYS E 35 23.93 10.71 -11.79
N ARG E 36 23.08 10.30 -10.85
CA ARG E 36 21.74 9.81 -11.19
C ARG E 36 21.08 10.70 -12.21
N VAL E 37 20.41 10.07 -13.18
CA VAL E 37 19.77 10.76 -14.29
C VAL E 37 18.31 10.33 -14.33
N ASP E 38 17.41 11.32 -14.37
CA ASP E 38 15.98 11.10 -14.46
C ASP E 38 15.43 11.89 -15.64
N LEU E 39 14.74 11.20 -16.54
CA LEU E 39 14.12 11.84 -17.69
C LEU E 39 12.62 11.93 -17.44
N GLY E 40 12.03 13.08 -17.75
CA GLY E 40 10.62 13.21 -17.49
C GLY E 40 9.98 14.36 -18.25
N CYS E 41 8.69 14.55 -17.97
CA CYS E 41 7.89 15.63 -18.54
C CYS E 41 7.17 16.37 -17.42
N ALA E 42 6.80 17.62 -17.71
CA ALA E 42 6.12 18.44 -16.73
C ALA E 42 5.33 19.51 -17.46
N ALA E 43 4.43 20.17 -16.71
CA ALA E 43 3.70 21.32 -17.24
C ALA E 43 4.55 22.58 -17.18
N THR E 44 5.35 22.72 -16.13
CA THR E 44 6.30 23.80 -15.99
C THR E 44 7.66 23.21 -15.64
N CYS E 45 8.71 23.96 -15.93
CA CYS E 45 10.06 23.49 -15.63
C CYS E 45 10.20 23.26 -14.13
N PRO E 46 10.45 22.05 -13.66
CA PRO E 46 10.46 21.80 -12.22
C PRO E 46 11.49 22.65 -11.49
N THR E 47 11.12 23.08 -10.29
CA THR E 47 12.06 23.73 -9.38
C THR E 47 12.85 22.66 -8.64
N VAL E 48 14.18 22.80 -8.62
CA VAL E 48 15.07 21.78 -8.09
C VAL E 48 15.83 22.35 -6.90
N LYS E 49 16.41 21.44 -6.12
CA LYS E 49 17.22 21.82 -4.97
C LYS E 49 18.58 22.32 -5.45
N THR E 50 19.50 22.57 -4.53
CA THR E 50 20.78 23.17 -4.89
C THR E 50 21.63 22.21 -5.71
N GLY E 51 22.01 21.07 -5.13
CA GLY E 51 22.87 20.12 -5.80
C GLY E 51 22.24 19.37 -6.94
N VAL E 52 20.99 19.67 -7.30
CA VAL E 52 20.28 18.97 -8.36
C VAL E 52 20.23 19.87 -9.59
N ASP E 53 20.84 19.41 -10.68
CA ASP E 53 20.80 20.14 -11.94
C ASP E 53 19.63 19.68 -12.80
N ILE E 54 19.09 20.61 -13.57
CA ILE E 54 17.92 20.34 -14.40
C ILE E 54 18.08 21.07 -15.73
N GLN E 55 17.63 20.41 -16.80
CA GLN E 55 17.63 20.99 -18.15
C GLN E 55 16.25 20.81 -18.74
N CYS E 56 15.56 21.93 -19.00
CA CYS E 56 14.22 21.94 -19.54
C CYS E 56 14.22 22.40 -20.99
N CYS E 57 13.39 21.76 -21.80
CA CYS E 57 13.25 22.10 -23.21
C CYS E 57 11.79 21.93 -23.63
N SER E 58 11.43 22.56 -24.75
CA SER E 58 10.05 22.60 -25.21
C SER E 58 9.78 21.74 -26.44
N THR E 59 10.81 21.26 -27.12
CA THR E 59 10.62 20.43 -28.30
C THR E 59 10.16 19.02 -27.89
N ASP E 60 9.67 18.27 -28.86
CA ASP E 60 9.29 16.88 -28.65
C ASP E 60 10.53 15.99 -28.62
N ASN E 61 10.61 15.12 -27.61
CA ASN E 61 11.72 14.18 -27.47
C ASN E 61 13.05 14.91 -27.48
N CYS E 62 13.15 15.94 -26.64
CA CYS E 62 14.35 16.77 -26.52
C CYS E 62 15.09 16.55 -25.20
N ASN E 63 14.79 15.46 -24.50
CA ASN E 63 15.52 15.08 -23.28
C ASN E 63 16.05 13.66 -23.42
N PRO E 64 16.88 13.40 -24.43
CA PRO E 64 17.51 12.08 -24.56
C PRO E 64 18.48 11.82 -23.41
N PHE E 65 19.08 10.65 -23.39
CA PHE E 65 19.91 10.27 -22.26
C PHE E 65 21.37 10.51 -22.57
N PRO E 66 22.10 11.29 -21.74
CA PRO E 66 23.56 11.44 -21.92
C PRO E 66 24.33 10.21 -21.45
N GLN F 1 -24.75 -20.63 -18.13
CA GLN F 1 -23.53 -21.47 -17.95
C GLN F 1 -22.34 -20.58 -17.60
N VAL F 2 -22.22 -19.45 -18.31
CA VAL F 2 -21.21 -18.44 -18.01
C VAL F 2 -21.84 -17.07 -18.25
N GLN F 3 -21.86 -16.22 -17.22
CA GLN F 3 -22.40 -14.88 -17.31
C GLN F 3 -21.29 -13.87 -17.06
N LEU F 4 -21.09 -12.98 -18.02
CA LEU F 4 -20.22 -11.81 -17.86
C LEU F 4 -21.13 -10.60 -17.73
N GLN F 5 -20.98 -9.86 -16.62
CA GLN F 5 -21.81 -8.70 -16.37
C GLN F 5 -20.92 -7.50 -16.08
N GLU F 6 -21.17 -6.41 -16.80
CA GLU F 6 -20.30 -5.24 -16.82
C GLU F 6 -20.92 -4.10 -16.03
N SER F 7 -20.08 -3.11 -15.72
CA SER F 7 -20.55 -1.92 -15.03
C SER F 7 -19.43 -0.90 -15.00
N GLY F 8 -19.80 0.36 -14.75
CA GLY F 8 -18.85 1.44 -14.59
C GLY F 8 -18.84 2.47 -15.69
N GLY F 9 -19.51 2.21 -16.81
CA GLY F 9 -19.52 3.15 -17.91
C GLY F 9 -20.19 4.46 -17.55
N GLY F 10 -20.23 5.40 -18.49
CA GLY F 10 -20.91 6.66 -18.26
C GLY F 10 -20.33 7.77 -19.13
N LEU F 11 -20.67 8.99 -18.76
CA LEU F 11 -20.28 10.19 -19.50
C LEU F 11 -19.23 10.96 -18.71
N VAL F 12 -18.20 11.43 -19.42
CA VAL F 12 -17.06 12.11 -18.81
C VAL F 12 -16.58 13.21 -19.74
N GLN F 13 -15.87 14.19 -19.17
CA GLN F 13 -15.29 15.26 -19.95
C GLN F 13 -13.89 14.88 -20.43
N PRO F 14 -13.40 15.52 -21.49
CA PRO F 14 -12.03 15.24 -21.94
C PRO F 14 -11.04 15.44 -20.80
N GLY F 15 -10.16 14.45 -20.62
CA GLY F 15 -9.21 14.44 -19.54
C GLY F 15 -9.67 13.73 -18.29
N GLY F 16 -10.97 13.45 -18.17
CA GLY F 16 -11.48 12.71 -17.04
C GLY F 16 -11.03 11.27 -17.07
N SER F 17 -11.65 10.47 -16.21
CA SER F 17 -11.26 9.07 -16.03
C SER F 17 -12.46 8.25 -15.57
N LEU F 18 -12.42 6.96 -15.88
CA LEU F 18 -13.48 6.03 -15.52
C LEU F 18 -12.87 4.70 -15.07
N ARG F 19 -13.73 3.81 -14.61
CA ARG F 19 -13.29 2.50 -14.16
C ARG F 19 -14.39 1.50 -14.49
N LEU F 20 -14.12 0.62 -15.44
CA LEU F 20 -15.06 -0.43 -15.82
C LEU F 20 -14.70 -1.71 -15.09
N SER F 21 -15.72 -2.48 -14.73
CA SER F 21 -15.54 -3.75 -14.04
C SER F 21 -16.45 -4.78 -14.67
N CYS F 22 -15.93 -5.99 -14.83
CA CYS F 22 -16.65 -7.10 -15.44
C CYS F 22 -16.54 -8.31 -14.52
N ALA F 23 -17.70 -8.78 -14.06
CA ALA F 23 -17.77 -9.91 -13.14
C ALA F 23 -18.22 -11.14 -13.92
N ALA F 24 -17.46 -12.22 -13.76
CA ALA F 24 -17.79 -13.51 -14.37
C ALA F 24 -18.39 -14.42 -13.31
N SER F 25 -19.41 -15.16 -13.70
CA SER F 25 -20.11 -16.05 -12.77
C SER F 25 -20.58 -17.29 -13.52
N GLY F 26 -20.74 -18.37 -12.76
CA GLY F 26 -21.23 -19.63 -13.32
C GLY F 26 -20.10 -20.63 -13.51
N ASP F 27 -20.05 -21.25 -14.68
CA ASP F 27 -19.06 -22.27 -14.99
C ASP F 27 -17.75 -21.64 -15.44
N ILE F 28 -17.16 -20.86 -14.54
CA ILE F 28 -15.91 -20.15 -14.82
C ILE F 28 -14.74 -21.04 -14.44
N GLY F 29 -15.00 -22.34 -14.27
CA GLY F 29 -13.93 -23.28 -14.02
C GLY F 29 -12.98 -23.33 -15.18
N GLY F 30 -11.70 -23.10 -14.93
CA GLY F 30 -10.74 -23.03 -16.00
C GLY F 30 -10.70 -21.69 -16.71
N LEU F 31 -11.22 -20.64 -16.06
CA LEU F 31 -11.08 -19.30 -16.61
C LEU F 31 -9.63 -19.06 -16.99
N LYS F 32 -9.42 -18.71 -18.26
CA LYS F 32 -8.09 -18.77 -18.85
C LYS F 32 -7.62 -17.44 -19.42
N GLN F 33 -8.54 -16.55 -19.78
CA GLN F 33 -8.17 -15.27 -20.38
C GLN F 33 -9.33 -14.30 -20.24
N MET F 34 -9.02 -13.01 -20.14
CA MET F 34 -10.07 -12.00 -20.08
C MET F 34 -9.58 -10.71 -20.73
N GLY F 35 -10.47 -10.05 -21.48
CA GLY F 35 -10.08 -8.85 -22.20
C GLY F 35 -11.23 -7.88 -22.35
N TRP F 36 -10.87 -6.63 -22.61
CA TRP F 36 -11.79 -5.54 -22.89
C TRP F 36 -11.59 -5.10 -24.33
N TYR F 37 -12.67 -5.10 -25.11
CA TYR F 37 -12.68 -4.60 -26.47
C TYR F 37 -13.66 -3.44 -26.58
N ARG F 38 -13.45 -2.58 -27.57
CA ARG F 38 -14.32 -1.44 -27.81
C ARG F 38 -15.01 -1.59 -29.16
N GLN F 39 -16.19 -0.98 -29.27
CA GLN F 39 -16.88 -0.87 -30.56
C GLN F 39 -17.59 0.47 -30.61
N ALA F 40 -17.25 1.28 -31.59
CA ALA F 40 -17.96 2.52 -31.87
C ALA F 40 -18.75 2.38 -33.16
N PRO F 41 -19.77 3.23 -33.38
CA PRO F 41 -20.60 3.10 -34.58
C PRO F 41 -19.77 2.97 -35.85
N GLY F 42 -19.97 1.87 -36.57
CA GLY F 42 -19.23 1.58 -37.78
C GLY F 42 -18.01 0.72 -37.59
N HIS F 43 -17.53 0.58 -36.35
CA HIS F 43 -16.33 -0.19 -36.05
C HIS F 43 -16.69 -1.66 -35.81
N GLN F 44 -15.66 -2.48 -35.71
CA GLN F 44 -15.80 -3.83 -35.20
C GLN F 44 -15.52 -3.81 -33.70
N ARG F 45 -15.55 -4.97 -33.06
CA ARG F 45 -15.17 -5.09 -31.65
C ARG F 45 -13.65 -5.13 -31.61
N GLU F 46 -13.04 -3.96 -31.39
CA GLU F 46 -11.61 -3.79 -31.54
C GLU F 46 -10.89 -4.00 -30.22
N LEU F 47 -9.64 -4.47 -30.31
CA LEU F 47 -8.84 -4.77 -29.13
C LEU F 47 -8.49 -3.51 -28.36
N VAL F 48 -8.75 -3.52 -27.06
CA VAL F 48 -8.32 -2.46 -26.15
C VAL F 48 -7.30 -2.98 -25.15
N ALA F 49 -7.62 -4.06 -24.45
CA ALA F 49 -6.70 -4.68 -23.52
C ALA F 49 -7.07 -6.14 -23.36
N VAL F 50 -6.10 -6.95 -22.95
CA VAL F 50 -6.31 -8.38 -22.79
C VAL F 50 -5.26 -8.92 -21.82
N LYS F 51 -5.63 -9.95 -21.07
CA LYS F 51 -4.72 -10.60 -20.13
C LYS F 51 -5.03 -12.08 -20.13
N ARG F 52 -4.05 -12.89 -20.51
CA ARG F 52 -4.17 -14.34 -20.53
C ARG F 52 -3.37 -14.90 -19.37
N ASN F 53 -3.97 -15.83 -18.63
CA ASN F 53 -3.31 -16.37 -17.45
C ASN F 53 -1.90 -16.83 -17.81
N GLU F 54 -0.95 -16.39 -17.00
CA GLU F 54 0.46 -16.75 -17.13
C GLU F 54 1.12 -16.08 -18.34
N ASN F 55 0.52 -15.00 -18.85
CA ASN F 55 1.12 -14.18 -19.89
C ASN F 55 1.08 -12.72 -19.45
N GLU F 56 1.89 -11.91 -20.13
CA GLU F 56 1.95 -10.49 -19.84
C GLU F 56 0.83 -9.77 -20.56
N ALA F 57 0.25 -8.77 -19.90
CA ALA F 57 -0.86 -8.03 -20.48
C ALA F 57 -0.47 -7.45 -21.83
N ASN F 58 -1.44 -7.41 -22.75
CA ASN F 58 -1.26 -6.82 -24.06
C ASN F 58 -2.22 -5.65 -24.22
N TYR F 59 -1.72 -4.55 -24.78
CA TYR F 59 -2.51 -3.36 -25.03
C TYR F 59 -2.41 -2.99 -26.50
N THR F 60 -3.39 -2.22 -26.97
CA THR F 60 -3.28 -1.55 -28.26
C THR F 60 -2.54 -0.24 -28.03
N GLU F 61 -1.55 0.04 -28.88
CA GLU F 61 -0.67 1.18 -28.64
C GLU F 61 -1.40 2.51 -28.72
N SER F 62 -2.71 2.48 -28.95
CA SER F 62 -3.53 3.69 -28.86
C SER F 62 -3.92 4.04 -27.43
N VAL F 63 -3.75 3.12 -26.48
CA VAL F 63 -4.17 3.33 -25.10
C VAL F 63 -3.05 3.10 -24.10
N LYS F 64 -1.87 2.69 -24.56
CA LYS F 64 -0.76 2.45 -23.65
C LYS F 64 -0.44 3.70 -22.84
N GLY F 65 -0.17 3.52 -21.55
CA GLY F 65 0.09 4.61 -20.66
C GLY F 65 -1.13 5.31 -20.10
N ARG F 66 -2.30 5.11 -20.72
CA ARG F 66 -3.54 5.72 -20.25
C ARG F 66 -4.51 4.72 -19.64
N PHE F 67 -4.59 3.50 -20.17
CA PHE F 67 -5.46 2.47 -19.64
C PHE F 67 -4.65 1.40 -18.91
N THR F 68 -5.34 0.66 -18.04
CA THR F 68 -4.71 -0.39 -17.24
C THR F 68 -5.72 -1.50 -16.99
N ILE F 69 -5.39 -2.72 -17.43
CA ILE F 69 -6.24 -3.88 -17.21
C ILE F 69 -5.70 -4.66 -16.02
N SER F 70 -6.61 -5.26 -15.25
CA SER F 70 -6.22 -6.05 -14.09
C SER F 70 -7.24 -7.16 -13.88
N ARG F 71 -6.80 -8.27 -13.30
CA ARG F 71 -7.66 -9.43 -13.05
C ARG F 71 -7.53 -9.85 -11.59
N ASP F 72 -8.66 -9.88 -10.89
CA ASP F 72 -8.74 -10.46 -9.55
C ASP F 72 -9.35 -11.85 -9.70
N ASN F 73 -8.54 -12.87 -9.44
CA ASN F 73 -8.94 -14.25 -9.68
C ASN F 73 -9.72 -14.85 -8.51
N ALA F 74 -9.53 -14.33 -7.30
CA ALA F 74 -10.34 -14.79 -6.18
C ALA F 74 -11.79 -14.34 -6.35
N ARG F 75 -11.98 -13.13 -6.84
CA ARG F 75 -13.31 -12.61 -7.17
C ARG F 75 -13.76 -12.99 -8.57
N LYS F 76 -12.85 -13.44 -9.43
CA LYS F 76 -13.15 -13.78 -10.80
C LYS F 76 -13.74 -12.57 -11.53
N MET F 77 -12.94 -11.51 -11.60
CA MET F 77 -13.36 -10.25 -12.19
C MET F 77 -12.18 -9.63 -12.94
N VAL F 78 -12.50 -8.82 -13.94
CA VAL F 78 -11.50 -8.09 -14.71
C VAL F 78 -11.91 -6.62 -14.76
N TYR F 79 -10.93 -5.73 -14.57
CA TYR F 79 -11.22 -4.32 -14.44
C TYR F 79 -10.34 -3.54 -15.42
N LEU F 80 -10.88 -2.42 -15.91
CA LEU F 80 -10.18 -1.51 -16.82
C LEU F 80 -10.23 -0.11 -16.22
N GLN F 81 -9.09 0.38 -15.76
CA GLN F 81 -8.95 1.77 -15.33
C GLN F 81 -8.63 2.61 -16.56
N MET F 82 -9.45 3.62 -16.83
CA MET F 82 -9.33 4.47 -18.02
C MET F 82 -8.98 5.87 -17.58
N ASN F 83 -7.69 6.21 -17.65
CA ASN F 83 -7.22 7.52 -17.25
C ASN F 83 -7.03 8.41 -18.48
N SER F 84 -7.13 9.72 -18.25
CA SER F 84 -6.96 10.73 -19.30
C SER F 84 -7.79 10.38 -20.53
N LEU F 85 -9.08 10.15 -20.31
CA LEU F 85 -9.98 9.86 -21.42
C LEU F 85 -10.01 11.03 -22.41
N LYS F 86 -10.18 10.69 -23.68
CA LYS F 86 -10.27 11.65 -24.76
C LYS F 86 -11.46 11.30 -25.65
N PRO F 87 -11.94 12.26 -26.45
CA PRO F 87 -13.17 12.01 -27.22
C PRO F 87 -13.12 10.76 -28.08
N GLU F 88 -11.95 10.42 -28.63
CA GLU F 88 -11.82 9.23 -29.47
C GLU F 88 -12.03 7.93 -28.72
N ASP F 89 -12.02 7.96 -27.38
CA ASP F 89 -12.23 6.77 -26.57
C ASP F 89 -13.70 6.45 -26.37
N THR F 90 -14.60 7.18 -27.01
CA THR F 90 -16.03 6.95 -26.86
C THR F 90 -16.46 5.71 -27.64
N ALA F 91 -17.18 4.82 -26.96
CA ALA F 91 -17.66 3.59 -27.58
C ALA F 91 -18.34 2.69 -26.55
N VAL F 92 -18.92 1.58 -27.00
CA VAL F 92 -19.44 0.56 -26.11
C VAL F 92 -18.33 -0.46 -25.89
N TYR F 93 -17.95 -0.67 -24.63
CA TYR F 93 -16.89 -1.58 -24.29
C TYR F 93 -17.49 -2.90 -23.82
N TYR F 94 -17.01 -3.99 -24.40
CA TYR F 94 -17.43 -5.34 -24.06
C TYR F 94 -16.27 -6.03 -23.35
N CYS F 95 -16.58 -6.88 -22.38
CA CYS F 95 -15.60 -7.75 -21.75
C CYS F 95 -15.85 -9.17 -22.22
N ASN F 96 -14.81 -9.79 -22.75
CA ASN F 96 -14.88 -11.21 -23.09
C ASN F 96 -13.97 -12.00 -22.16
N ALA F 97 -14.36 -13.26 -21.94
CA ALA F 97 -13.59 -14.19 -21.14
C ALA F 97 -13.50 -15.51 -21.89
N VAL F 98 -12.29 -16.04 -21.97
CA VAL F 98 -12.03 -17.33 -22.59
C VAL F 98 -11.82 -18.34 -21.47
N VAL F 99 -12.72 -19.32 -21.40
CA VAL F 99 -12.66 -20.38 -20.41
C VAL F 99 -12.26 -21.67 -21.11
N GLY F 100 -11.39 -22.44 -20.46
CA GLY F 100 -10.92 -23.69 -21.01
C GLY F 100 -11.34 -24.87 -20.15
N ASN F 101 -11.84 -25.93 -20.78
CA ASN F 101 -12.37 -27.08 -20.04
C ASN F 101 -12.04 -28.37 -20.77
N TRP F 102 -11.87 -29.43 -19.99
CA TRP F 102 -11.57 -30.77 -20.52
C TRP F 102 -12.85 -31.56 -20.75
N TYR F 103 -12.91 -32.27 -21.87
CA TYR F 103 -13.93 -33.23 -22.22
C TYR F 103 -13.24 -34.56 -22.54
N THR F 104 -14.03 -35.63 -22.62
CA THR F 104 -13.47 -36.92 -22.98
C THR F 104 -12.68 -36.86 -24.28
N SER F 105 -13.04 -35.92 -25.16
CA SER F 105 -12.40 -35.78 -26.46
C SER F 105 -11.22 -34.81 -26.44
N GLY F 106 -11.06 -34.01 -25.39
CA GLY F 106 -9.92 -33.13 -25.29
C GLY F 106 -10.29 -31.81 -24.64
N TYR F 107 -9.32 -30.90 -24.62
CA TYR F 107 -9.44 -29.61 -23.96
C TYR F 107 -9.86 -28.54 -24.95
N TYR F 108 -11.00 -27.89 -24.69
CA TYR F 108 -11.53 -26.87 -25.58
C TYR F 108 -11.55 -25.52 -24.86
N GLU F 109 -11.29 -24.45 -25.61
CA GLU F 109 -11.44 -23.08 -25.15
C GLU F 109 -12.66 -22.45 -25.80
N ASP F 110 -13.42 -21.68 -25.01
CA ASP F 110 -14.63 -21.04 -25.48
C ASP F 110 -14.64 -19.58 -25.03
N THR F 111 -15.03 -18.69 -25.94
CA THR F 111 -15.09 -17.26 -25.68
C THR F 111 -16.52 -16.88 -25.35
N TYR F 112 -16.70 -16.24 -24.20
CA TYR F 112 -17.98 -15.66 -23.80
C TYR F 112 -17.83 -14.15 -23.76
N TRP F 113 -18.93 -13.45 -24.02
CA TRP F 113 -18.91 -12.00 -24.17
C TRP F 113 -19.81 -11.34 -23.12
N GLY F 114 -19.56 -10.06 -22.90
CA GLY F 114 -20.28 -9.29 -21.92
C GLY F 114 -21.42 -8.48 -22.52
N GLN F 115 -22.23 -7.92 -21.62
CA GLN F 115 -23.43 -7.19 -22.03
C GLN F 115 -23.07 -5.90 -22.76
N GLY F 116 -21.91 -5.33 -22.49
CA GLY F 116 -21.50 -4.07 -23.09
C GLY F 116 -21.92 -2.85 -22.30
N THR F 117 -21.00 -1.92 -22.09
CA THR F 117 -21.29 -0.70 -21.33
C THR F 117 -20.75 0.50 -22.09
N GLN F 118 -21.54 1.57 -22.14
CA GLN F 118 -21.17 2.75 -22.91
C GLN F 118 -20.21 3.63 -22.14
N VAL F 119 -19.25 4.20 -22.87
CA VAL F 119 -18.33 5.20 -22.34
C VAL F 119 -18.33 6.35 -23.34
N THR F 120 -18.73 7.53 -22.89
CA THR F 120 -18.82 8.71 -23.74
C THR F 120 -17.96 9.82 -23.14
N VAL F 121 -17.31 10.59 -24.01
CA VAL F 121 -16.39 11.64 -23.59
C VAL F 121 -16.69 12.90 -24.38
N SER F 122 -17.08 13.95 -23.67
CA SER F 122 -17.42 15.23 -24.31
C SER F 122 -17.56 16.33 -23.26
N GLN G 1 -0.17 0.43 11.82
CA GLN G 1 -1.49 -0.26 11.98
C GLN G 1 -2.41 0.10 10.81
N VAL G 2 -2.41 1.39 10.45
CA VAL G 2 -3.15 1.88 9.29
C VAL G 2 -2.31 2.95 8.61
N GLN G 3 -2.01 2.75 7.33
CA GLN G 3 -1.24 3.69 6.53
C GLN G 3 -2.09 4.22 5.40
N LEU G 4 -2.22 5.53 5.32
CA LEU G 4 -2.79 6.21 4.16
C LEU G 4 -1.65 6.86 3.40
N GLN G 5 -1.51 6.54 2.11
CA GLN G 5 -0.44 7.08 1.29
C GLN G 5 -1.04 7.69 0.03
N GLU G 6 -0.69 8.94 -0.25
CA GLU G 6 -1.32 9.72 -1.29
C GLU G 6 -0.39 9.90 -2.49
N SER G 7 -0.99 10.32 -3.61
CA SER G 7 -0.22 10.59 -4.82
C SER G 7 -1.14 11.26 -5.83
N GLY G 8 -0.53 11.89 -6.83
CA GLY G 8 -1.26 12.48 -7.95
C GLY G 8 -1.25 13.98 -8.00
N GLY G 9 -0.82 14.66 -6.94
CA GLY G 9 -0.80 16.12 -6.92
C GLY G 9 0.15 16.70 -7.94
N GLY G 10 0.22 18.03 -8.01
CA GLY G 10 1.14 18.69 -8.92
C GLY G 10 0.63 20.08 -9.28
N LEU G 11 1.22 20.63 -10.33
CA LEU G 11 0.92 21.97 -10.81
C LEU G 11 0.17 21.88 -12.14
N VAL G 12 -0.87 22.71 -12.28
CA VAL G 12 -1.72 22.71 -13.46
C VAL G 12 -2.15 24.14 -13.77
N GLN G 13 -2.54 24.37 -15.03
CA GLN G 13 -3.06 25.67 -15.44
C GLN G 13 -4.56 25.74 -15.22
N PRO G 14 -5.11 26.94 -15.11
CA PRO G 14 -6.57 27.07 -14.93
C PRO G 14 -7.34 26.34 -16.02
N GLY G 15 -8.31 25.53 -15.60
CA GLY G 15 -9.09 24.73 -16.51
C GLY G 15 -8.57 23.32 -16.73
N GLY G 16 -7.35 23.03 -16.31
CA GLY G 16 -6.79 21.70 -16.45
C GLY G 16 -7.51 20.69 -15.56
N SER G 17 -6.88 19.53 -15.42
CA SER G 17 -7.49 18.42 -14.69
C SER G 17 -6.40 17.58 -14.04
N LEU G 18 -6.76 16.95 -12.91
CA LEU G 18 -5.85 16.09 -12.18
C LEU G 18 -6.62 14.88 -11.64
N ARG G 19 -5.88 13.95 -11.06
CA ARG G 19 -6.46 12.75 -10.46
C ARG G 19 -5.60 12.35 -9.28
N LEU G 20 -6.15 12.51 -8.07
CA LEU G 20 -5.45 12.14 -6.85
C LEU G 20 -5.89 10.74 -6.43
N SER G 21 -4.96 10.00 -5.82
CA SER G 21 -5.23 8.65 -5.35
C SER G 21 -4.67 8.49 -3.94
N CYS G 22 -5.42 7.80 -3.08
CA CYS G 22 -5.03 7.54 -1.69
C CYS G 22 -5.22 6.06 -1.43
N ALA G 23 -4.13 5.37 -1.09
CA ALA G 23 -4.15 3.95 -0.81
C ALA G 23 -4.05 3.71 0.68
N ALA G 24 -4.98 2.91 1.21
CA ALA G 24 -4.99 2.51 2.60
C ALA G 24 -4.44 1.09 2.70
N SER G 25 -3.63 0.86 3.73
CA SER G 25 -3.01 -0.44 3.92
C SER G 25 -2.88 -0.73 5.41
N GLY G 26 -2.81 -2.01 5.72
CA GLY G 26 -2.64 -2.45 7.10
C GLY G 26 -3.95 -2.98 7.67
N ASP G 27 -4.29 -2.53 8.89
CA ASP G 27 -5.49 -3.00 9.58
C ASP G 27 -6.71 -2.20 9.11
N ILE G 28 -6.99 -2.30 7.82
CA ILE G 28 -8.11 -1.59 7.22
C ILE G 28 -9.36 -2.48 7.31
N GLY G 29 -9.31 -3.49 8.16
CA GLY G 29 -10.47 -4.32 8.40
C GLY G 29 -11.60 -3.51 9.01
N GLY G 30 -12.76 -3.52 8.37
CA GLY G 30 -13.84 -2.67 8.80
C GLY G 30 -13.73 -1.24 8.31
N LEU G 31 -12.95 -1.01 7.26
CA LEU G 31 -12.92 0.31 6.62
C LEU G 31 -14.33 0.80 6.35
N LYS G 32 -14.64 1.99 6.85
CA LYS G 32 -16.02 2.43 6.95
C LYS G 32 -16.30 3.76 6.24
N GLN G 33 -15.29 4.60 6.04
CA GLN G 33 -15.52 5.88 5.37
C GLN G 33 -14.20 6.39 4.83
N MET G 34 -14.25 7.14 3.73
CA MET G 34 -13.04 7.76 3.20
C MET G 34 -13.38 9.08 2.53
N GLY G 35 -12.53 10.07 2.75
CA GLY G 35 -12.80 11.41 2.25
C GLY G 35 -11.54 12.17 1.91
N TRP G 36 -11.74 13.20 1.08
CA TRP G 36 -10.70 14.15 0.68
C TRP G 36 -11.04 15.52 1.23
N TYR G 37 -10.12 16.11 1.99
CA TYR G 37 -10.26 17.47 2.49
C TYR G 37 -9.11 18.32 1.96
N ARG G 38 -9.32 19.64 1.93
CA ARG G 38 -8.30 20.58 1.47
C ARG G 38 -7.87 21.50 2.60
N GLN G 39 -6.63 21.99 2.51
CA GLN G 39 -6.15 23.03 3.41
C GLN G 39 -5.24 23.96 2.63
N ALA G 40 -5.60 25.24 2.60
CA ALA G 40 -4.76 26.29 2.07
C ALA G 40 -4.27 27.18 3.21
N PRO G 41 -3.19 27.92 2.98
CA PRO G 41 -2.66 28.77 4.07
C PRO G 41 -3.73 29.61 4.74
N GLY G 42 -3.89 29.44 6.05
CA GLY G 42 -4.88 30.14 6.83
C GLY G 42 -6.18 29.38 7.03
N HIS G 43 -6.41 28.34 6.24
CA HIS G 43 -7.63 27.57 6.31
C HIS G 43 -7.51 26.44 7.34
N GLN G 44 -8.65 25.80 7.61
CA GLN G 44 -8.68 24.53 8.31
C GLN G 44 -8.66 23.40 7.28
N ARG G 45 -8.76 22.16 7.76
CA ARG G 45 -8.92 21.01 6.87
C ARG G 45 -10.38 20.96 6.45
N GLU G 46 -10.69 21.55 5.30
CA GLU G 46 -12.07 21.78 4.89
C GLU G 46 -12.59 20.63 4.04
N LEU G 47 -13.89 20.40 4.15
CA LEU G 47 -14.52 19.30 3.42
C LEU G 47 -14.50 19.56 1.92
N VAL G 48 -14.02 18.57 1.16
CA VAL G 48 -14.09 18.58 -0.30
C VAL G 48 -15.00 17.47 -0.81
N ALA G 49 -14.74 16.24 -0.38
CA ALA G 49 -15.58 15.11 -0.77
C ALA G 49 -15.47 14.03 0.30
N VAL G 50 -16.48 13.18 0.36
CA VAL G 50 -16.49 12.10 1.36
C VAL G 50 -17.43 11.02 0.85
N LYS G 51 -17.13 9.77 1.23
CA LYS G 51 -17.96 8.63 0.87
C LYS G 51 -17.94 7.66 2.04
N ARG G 52 -19.11 7.41 2.61
CA ARG G 52 -19.29 6.48 3.71
C ARG G 52 -20.00 5.24 3.18
N ASN G 53 -19.49 4.07 3.54
CA ASN G 53 -20.07 2.82 3.05
C ASN G 53 -21.57 2.81 3.28
N GLU G 54 -22.32 2.47 2.24
CA GLU G 54 -23.76 2.36 2.25
C GLU G 54 -24.46 3.72 2.32
N ASN G 55 -23.75 4.80 1.99
CA ASN G 55 -24.32 6.13 1.87
C ASN G 55 -23.92 6.75 0.54
N GLU G 56 -24.67 7.78 0.15
CA GLU G 56 -24.42 8.48 -1.09
C GLU G 56 -23.34 9.53 -0.87
N ALA G 57 -22.48 9.69 -1.88
CA ALA G 57 -21.37 10.64 -1.77
C ALA G 57 -21.88 12.04 -1.43
N ASN G 58 -21.09 12.75 -0.64
CA ASN G 58 -21.39 14.13 -0.27
C ASN G 58 -20.26 15.02 -0.76
N TYR G 59 -20.62 16.15 -1.37
CA TYR G 59 -19.67 17.13 -1.86
C TYR G 59 -20.01 18.48 -1.24
N THR G 60 -19.03 19.38 -1.24
CA THR G 60 -19.28 20.78 -0.92
C THR G 60 -19.72 21.48 -2.20
N GLU G 61 -20.78 22.28 -2.12
CA GLU G 61 -21.37 22.84 -3.34
C GLU G 61 -20.42 23.77 -4.08
N SER G 62 -19.19 23.93 -3.56
CA SER G 62 -18.16 24.66 -4.29
C SER G 62 -17.48 23.80 -5.36
N VAL G 63 -17.65 22.48 -5.32
CA VAL G 63 -16.99 21.57 -6.25
C VAL G 63 -17.96 20.65 -6.98
N LYS G 64 -19.26 20.72 -6.67
CA LYS G 64 -20.22 19.85 -7.35
C LYS G 64 -20.15 20.07 -8.85
N GLY G 65 -20.21 18.97 -9.60
CA GLY G 65 -20.11 19.01 -11.05
C GLY G 65 -18.70 19.08 -11.60
N ARG G 66 -17.72 19.45 -10.78
CA ARG G 66 -16.32 19.53 -11.22
C ARG G 66 -15.44 18.45 -10.65
N PHE G 67 -15.67 18.02 -9.40
CA PHE G 67 -14.91 16.96 -8.78
C PHE G 67 -15.76 15.69 -8.69
N THR G 68 -15.08 14.55 -8.54
CA THR G 68 -15.74 13.25 -8.45
C THR G 68 -14.91 12.33 -7.57
N ILE G 69 -15.51 11.84 -6.49
CA ILE G 69 -14.86 10.91 -5.58
C ILE G 69 -15.29 9.50 -5.96
N SER G 70 -14.38 8.55 -5.77
CA SER G 70 -14.70 7.15 -6.04
C SER G 70 -13.89 6.28 -5.09
N ARG G 71 -14.43 5.11 -4.76
CA ARG G 71 -13.79 4.18 -3.85
C ARG G 71 -13.73 2.80 -4.50
N ASP G 72 -12.52 2.25 -4.60
CA ASP G 72 -12.33 0.86 -5.01
C ASP G 72 -12.03 0.06 -3.74
N ASN G 73 -12.96 -0.81 -3.36
CA ASN G 73 -12.88 -1.52 -2.09
C ASN G 73 -12.04 -2.79 -2.19
N ALA G 74 -11.94 -3.39 -3.37
CA ALA G 74 -11.04 -4.53 -3.53
C ALA G 74 -9.58 -4.11 -3.36
N ARG G 75 -9.23 -2.95 -3.89
CA ARG G 75 -7.91 -2.36 -3.70
C ARG G 75 -7.80 -1.54 -2.44
N LYS G 76 -8.91 -1.20 -1.80
CA LYS G 76 -8.92 -0.37 -0.60
C LYS G 76 -8.23 0.98 -0.89
N MET G 77 -8.82 1.71 -1.83
CA MET G 77 -8.27 2.99 -2.27
C MET G 77 -9.42 3.94 -2.56
N VAL G 78 -9.14 5.24 -2.42
CA VAL G 78 -10.11 6.29 -2.73
C VAL G 78 -9.43 7.29 -3.65
N TYR G 79 -10.15 7.73 -4.68
CA TYR G 79 -9.56 8.58 -5.71
C TYR G 79 -10.46 9.80 -5.88
N LEU G 80 -9.84 10.92 -6.25
CA LEU G 80 -10.52 12.18 -6.51
C LEU G 80 -10.13 12.68 -7.90
N GLN G 81 -11.08 12.65 -8.83
CA GLN G 81 -10.91 13.24 -10.15
C GLN G 81 -11.29 14.73 -10.07
N MET G 82 -10.36 15.60 -10.45
CA MET G 82 -10.53 17.05 -10.31
C MET G 82 -10.53 17.65 -11.72
N ASN G 83 -11.70 17.92 -12.25
CA ASN G 83 -11.85 18.50 -13.58
C ASN G 83 -12.06 20.00 -13.49
N SER G 84 -11.68 20.69 -14.58
CA SER G 84 -11.85 22.13 -14.68
C SER G 84 -11.30 22.84 -13.43
N LEU G 85 -10.05 22.54 -13.09
CA LEU G 85 -9.41 23.18 -11.96
C LEU G 85 -9.36 24.70 -12.15
N LYS G 86 -9.46 25.41 -11.05
CA LYS G 86 -9.39 26.86 -11.02
C LYS G 86 -8.45 27.29 -9.90
N PRO G 87 -7.96 28.54 -9.94
CA PRO G 87 -6.94 28.94 -8.94
C PRO G 87 -7.36 28.74 -7.50
N GLU G 88 -8.65 28.93 -7.18
CA GLU G 88 -9.10 28.78 -5.80
C GLU G 88 -8.98 27.36 -5.28
N ASP G 89 -8.79 26.37 -6.15
CA ASP G 89 -8.65 24.98 -5.74
C ASP G 89 -7.23 24.64 -5.31
N THR G 90 -6.34 25.62 -5.22
CA THR G 90 -4.96 25.38 -4.82
C THR G 90 -4.87 25.14 -3.31
N ALA G 91 -4.22 24.04 -2.93
CA ALA G 91 -4.07 23.68 -1.53
C ALA G 91 -3.41 22.32 -1.35
N VAL G 92 -3.15 21.93 -0.11
CA VAL G 92 -2.69 20.59 0.20
C VAL G 92 -3.93 19.75 0.51
N TYR G 93 -4.10 18.66 -0.22
CA TYR G 93 -5.26 17.78 -0.04
C TYR G 93 -4.85 16.56 0.78
N TYR G 94 -5.62 16.29 1.81
CA TYR G 94 -5.42 15.15 2.69
C TYR G 94 -6.55 14.16 2.48
N CYS G 95 -6.24 12.87 2.59
CA CYS G 95 -7.23 11.82 2.57
C CYS G 95 -7.36 11.24 3.98
N ASN G 96 -8.59 11.20 4.49
CA ASN G 96 -8.85 10.53 5.75
C ASN G 96 -9.64 9.26 5.51
N ALA G 97 -9.45 8.30 6.41
CA ALA G 97 -10.19 7.05 6.40
C ALA G 97 -10.66 6.77 7.82
N VAL G 98 -11.94 6.46 7.96
CA VAL G 98 -12.54 6.10 9.24
C VAL G 98 -12.77 4.60 9.21
N VAL G 99 -12.09 3.88 10.10
CA VAL G 99 -12.20 2.43 10.21
C VAL G 99 -12.99 2.10 11.48
N GLY G 100 -13.88 1.12 11.37
CA GLY G 100 -14.71 0.70 12.48
C GLY G 100 -14.40 -0.74 12.88
N ASN G 101 -14.23 -0.96 14.18
CA ASN G 101 -13.85 -2.27 14.67
C ASN G 101 -14.54 -2.57 16.01
N TRP G 102 -14.78 -3.86 16.24
CA TRP G 102 -15.40 -4.36 17.46
C TRP G 102 -14.35 -4.75 18.49
N TYR G 103 -14.61 -4.36 19.74
CA TYR G 103 -13.84 -4.76 20.90
C TYR G 103 -14.80 -5.35 21.92
N THR G 104 -14.24 -6.00 22.95
CA THR G 104 -15.07 -6.54 24.01
C THR G 104 -15.98 -5.48 24.61
N SER G 105 -15.56 -4.22 24.57
CA SER G 105 -16.30 -3.11 25.16
C SER G 105 -17.24 -2.44 24.16
N GLY G 106 -17.12 -2.70 22.87
CA GLY G 106 -18.05 -2.17 21.91
C GLY G 106 -17.35 -1.81 20.61
N TYR G 107 -18.12 -1.21 19.71
CA TYR G 107 -17.67 -0.87 18.36
C TYR G 107 -17.21 0.58 18.30
N TYR G 108 -15.94 0.78 17.91
CA TYR G 108 -15.36 2.11 17.84
C TYR G 108 -15.01 2.44 16.39
N GLU G 109 -15.16 3.71 16.04
CA GLU G 109 -14.68 4.26 14.77
C GLU G 109 -13.48 5.15 15.05
N ASP G 110 -12.47 5.06 14.19
CA ASP G 110 -11.22 5.83 14.33
C ASP G 110 -10.85 6.46 13.00
N THR G 111 -10.43 7.73 13.07
CA THR G 111 -10.05 8.51 11.88
C THR G 111 -8.52 8.50 11.75
N TYR G 112 -8.04 8.09 10.59
CA TYR G 112 -6.63 8.18 10.22
C TYR G 112 -6.51 9.15 9.05
N TRP G 113 -5.37 9.82 8.96
CA TRP G 113 -5.16 10.86 7.96
C TRP G 113 -3.98 10.50 7.06
N GLY G 114 -3.94 11.15 5.90
CA GLY G 114 -2.91 10.90 4.92
C GLY G 114 -1.80 11.93 4.98
N GLN G 115 -0.73 11.64 4.22
CA GLN G 115 0.46 12.48 4.27
C GLN G 115 0.18 13.87 3.70
N GLY G 116 -0.80 14.01 2.82
CA GLY G 116 -1.07 15.28 2.18
C GLY G 116 -0.31 15.44 0.88
N THR G 117 -0.99 15.93 -0.16
CA THR G 117 -0.38 16.11 -1.47
C THR G 117 -0.72 17.50 -1.99
N GLN G 118 0.27 18.17 -2.57
CA GLN G 118 0.09 19.54 -3.03
C GLN G 118 -0.61 19.58 -4.38
N VAL G 119 -1.53 20.53 -4.52
CA VAL G 119 -2.20 20.81 -5.79
C VAL G 119 -2.16 22.31 -6.02
N THR G 120 -1.54 22.74 -7.10
CA THR G 120 -1.39 24.17 -7.41
C THR G 120 -1.97 24.45 -8.79
N VAL G 121 -2.61 25.60 -8.92
CA VAL G 121 -3.28 26.00 -10.15
C VAL G 121 -2.89 27.44 -10.47
N SER G 122 -2.23 27.64 -11.61
CA SER G 122 -1.78 28.96 -12.02
C SER G 122 -1.32 28.96 -13.47
N GLN H 1 4.70 17.40 7.56
CA GLN H 1 5.23 18.52 8.37
C GLN H 1 6.34 18.00 9.28
N VAL H 2 6.11 16.83 9.90
CA VAL H 2 7.15 16.14 10.67
C VAL H 2 6.98 14.65 10.43
N GLN H 3 8.02 14.00 9.92
CA GLN H 3 8.02 12.58 9.66
C GLN H 3 9.11 11.93 10.50
N LEU H 4 8.73 10.96 11.32
CA LEU H 4 9.67 10.08 12.02
C LEU H 4 9.62 8.71 11.34
N GLN H 5 10.77 8.23 10.89
CA GLN H 5 10.86 6.96 10.20
C GLN H 5 11.92 6.09 10.85
N GLU H 6 11.56 4.85 11.16
CA GLU H 6 12.38 3.96 11.98
C GLU H 6 13.01 2.88 11.12
N SER H 7 14.01 2.23 11.70
CA SER H 7 14.67 1.11 11.04
C SER H 7 15.60 0.43 12.04
N GLY H 8 15.98 -0.80 11.73
CA GLY H 8 16.93 -1.56 12.52
C GLY H 8 16.35 -2.74 13.27
N GLY H 9 15.03 -2.84 13.36
CA GLY H 9 14.42 -3.94 14.08
C GLY H 9 14.74 -5.28 13.46
N GLY H 10 14.23 -6.36 14.05
CA GLY H 10 14.45 -7.68 13.50
C GLY H 10 14.37 -8.73 14.58
N LEU H 11 14.88 -9.91 14.24
CA LEU H 11 14.88 -11.08 15.09
C LEU H 11 16.29 -11.36 15.59
N VAL H 12 16.41 -11.68 16.88
CA VAL H 12 17.70 -11.94 17.51
C VAL H 12 17.50 -13.04 18.54
N GLN H 13 18.60 -13.71 18.89
CA GLN H 13 18.55 -14.74 19.91
C GLN H 13 18.73 -14.12 21.29
N PRO H 14 18.29 -14.81 22.34
CA PRO H 14 18.46 -14.25 23.69
C PRO H 14 19.90 -13.87 23.98
N GLY H 15 20.08 -12.64 24.44
CA GLY H 15 21.40 -12.13 24.72
C GLY H 15 22.05 -11.37 23.58
N GLY H 16 21.52 -11.47 22.37
CA GLY H 16 22.10 -10.78 21.24
C GLY H 16 21.99 -9.27 21.38
N SER H 17 22.21 -8.58 20.25
CA SER H 17 22.27 -7.12 20.29
C SER H 17 21.70 -6.55 19.00
N LEU H 18 21.14 -5.34 19.11
CA LEU H 18 20.56 -4.62 17.98
C LEU H 18 20.85 -3.14 18.10
N ARG H 19 20.49 -2.41 17.04
CA ARG H 19 20.66 -0.96 17.01
C ARG H 19 19.52 -0.39 16.19
N LEU H 20 18.59 0.29 16.85
CA LEU H 20 17.47 0.92 16.17
C LEU H 20 17.80 2.39 15.92
N SER H 21 17.28 2.91 14.81
CA SER H 21 17.49 4.30 14.43
C SER H 21 16.18 4.91 13.98
N CYS H 22 15.96 6.16 14.38
CA CYS H 22 14.75 6.91 14.04
C CYS H 22 15.19 8.25 13.48
N ALA H 23 14.83 8.51 12.22
CA ALA H 23 15.19 9.73 11.53
C ALA H 23 13.99 10.66 11.46
N ALA H 24 14.21 11.91 11.86
CA ALA H 24 13.19 12.94 11.79
C ALA H 24 13.46 13.84 10.59
N SER H 25 12.38 14.24 9.91
CA SER H 25 12.51 15.09 8.75
C SER H 25 11.31 16.03 8.66
N GLY H 26 11.50 17.15 7.98
CA GLY H 26 10.44 18.11 7.76
C GLY H 26 10.59 19.33 8.66
N ASP H 27 9.49 19.73 9.30
CA ASP H 27 9.45 20.92 10.16
C ASP H 27 9.97 20.59 11.55
N ILE H 28 11.23 20.16 11.60
CA ILE H 28 11.88 19.76 12.84
C ILE H 28 12.57 20.96 13.49
N GLY H 29 12.19 22.17 13.09
CA GLY H 29 12.70 23.36 13.72
C GLY H 29 12.27 23.44 15.17
N GLY H 30 13.23 23.55 16.09
CA GLY H 30 12.91 23.54 17.50
C GLY H 30 12.72 22.15 18.08
N LEU H 31 13.23 21.11 17.43
CA LEU H 31 13.21 19.77 18.01
C LEU H 31 13.74 19.81 19.44
N LYS H 32 12.93 19.30 20.37
CA LYS H 32 13.16 19.53 21.79
C LYS H 32 13.31 18.26 22.61
N GLN H 33 12.78 17.12 22.15
CA GLN H 33 12.91 15.89 22.92
C GLN H 33 12.72 14.70 22.00
N MET H 34 13.37 13.58 22.32
CA MET H 34 13.17 12.36 21.54
C MET H 34 13.30 11.13 22.43
N GLY H 35 12.43 10.15 22.22
CA GLY H 35 12.39 8.98 23.06
C GLY H 35 11.96 7.72 22.34
N TRP H 36 12.33 6.59 22.93
CA TRP H 36 11.96 5.26 22.47
C TRP H 36 11.04 4.60 23.49
N TYR H 37 9.85 4.19 23.05
CA TYR H 37 8.90 3.45 23.87
C TYR H 37 8.65 2.08 23.25
N ARG H 38 8.21 1.13 24.07
CA ARG H 38 7.89 -0.22 23.61
C ARG H 38 6.41 -0.53 23.82
N GLN H 39 5.88 -1.41 22.99
CA GLN H 39 4.53 -1.93 23.18
C GLN H 39 4.52 -3.40 22.77
N ALA H 40 4.18 -4.26 23.70
CA ALA H 40 3.96 -5.67 23.44
C ALA H 40 2.48 -5.99 23.57
N PRO H 41 2.01 -7.08 22.96
CA PRO H 41 0.58 -7.40 23.02
C PRO H 41 0.04 -7.33 24.45
N GLY H 42 -0.97 -6.47 24.64
CA GLY H 42 -1.58 -6.27 25.94
C GLY H 42 -1.02 -5.09 26.72
N HIS H 43 0.14 -4.57 26.33
CA HIS H 43 0.76 -3.46 27.03
C HIS H 43 0.31 -2.14 26.43
N GLN H 44 0.68 -1.05 27.10
CA GLN H 44 0.60 0.28 26.53
C GLN H 44 1.94 0.62 25.88
N ARG H 45 2.06 1.84 25.35
CA ARG H 45 3.34 2.32 24.85
C ARG H 45 4.18 2.73 26.05
N GLU H 46 5.02 1.81 26.51
CA GLU H 46 5.73 1.97 27.78
C GLU H 46 7.08 2.63 27.59
N LEU H 47 7.52 3.37 28.59
CA LEU H 47 8.78 4.09 28.52
C LEU H 47 9.97 3.14 28.50
N VAL H 48 10.86 3.33 27.53
CA VAL H 48 12.12 2.61 27.45
C VAL H 48 13.30 3.57 27.66
N ALA H 49 13.35 4.64 26.87
CA ALA H 49 14.40 5.64 27.02
C ALA H 49 13.89 6.96 26.48
N VAL H 50 14.52 8.05 26.93
CA VAL H 50 14.12 9.40 26.51
C VAL H 50 15.30 10.32 26.72
N LYS H 51 15.40 11.35 25.87
CA LYS H 51 16.46 12.34 25.97
C LYS H 51 15.86 13.69 25.59
N ARG H 52 15.90 14.62 26.54
CA ARG H 52 15.38 15.97 26.36
C ARG H 52 16.55 16.94 26.26
N ASN H 53 16.51 17.83 25.28
CA ASN H 53 17.62 18.77 25.08
C ASN H 53 17.95 19.49 26.38
N GLU H 54 19.23 19.50 26.72
CA GLU H 54 19.77 20.16 27.90
C GLU H 54 19.41 19.43 29.19
N ASN H 55 19.03 18.15 29.08
CA ASN H 55 18.80 17.29 30.23
C ASN H 55 19.55 15.99 30.06
N GLU H 56 19.70 15.27 31.18
CA GLU H 56 20.37 13.98 31.19
C GLU H 56 19.41 12.88 30.78
N ALA H 57 19.93 11.90 30.05
CA ALA H 57 19.10 10.79 29.60
C ALA H 57 18.42 10.13 30.79
N ASN H 58 17.18 9.69 30.58
CA ASN H 58 16.43 8.95 31.58
C ASN H 58 16.08 7.57 31.03
N TYR H 59 16.25 6.56 31.87
CA TYR H 59 15.96 5.18 31.51
C TYR H 59 14.96 4.59 32.48
N THR H 60 14.29 3.53 32.04
CA THR H 60 13.50 2.68 32.93
C THR H 60 14.42 1.63 33.53
N GLU H 61 14.32 1.43 34.85
CA GLU H 61 15.29 0.60 35.55
C GLU H 61 15.26 -0.86 35.08
N SER H 62 14.38 -1.18 34.13
CA SER H 62 14.39 -2.50 33.51
C SER H 62 15.42 -2.62 32.41
N VAL H 63 15.96 -1.50 31.90
CA VAL H 63 16.89 -1.52 30.79
C VAL H 63 18.20 -0.81 31.09
N LYS H 64 18.35 -0.22 32.28
CA LYS H 64 19.58 0.49 32.60
C LYS H 64 20.77 -0.47 32.50
N GLY H 65 21.87 0.04 31.93
CA GLY H 65 23.06 -0.75 31.73
C GLY H 65 23.05 -1.66 30.53
N ARG H 66 21.87 -1.94 29.97
CA ARG H 66 21.74 -2.78 28.79
C ARG H 66 21.40 -2.01 27.53
N PHE H 67 20.59 -0.96 27.65
CA PHE H 67 20.23 -0.10 26.53
C PHE H 67 20.93 1.24 26.66
N THR H 68 21.05 1.93 25.53
CA THR H 68 21.71 3.22 25.50
C THR H 68 21.06 4.08 24.42
N ILE H 69 20.56 5.24 24.80
CA ILE H 69 19.95 6.17 23.84
C ILE H 69 20.98 7.23 23.48
N SER H 70 20.94 7.68 22.23
CA SER H 70 21.84 8.75 21.78
C SER H 70 21.15 9.56 20.70
N ARG H 71 21.52 10.84 20.61
CA ARG H 71 20.91 11.78 19.67
C ARG H 71 22.00 12.47 18.87
N ASP H 72 21.93 12.36 17.55
CA ASP H 72 22.78 13.15 16.65
C ASP H 72 21.93 14.30 16.11
N ASN H 73 22.27 15.52 16.53
CA ASN H 73 21.46 16.70 16.23
C ASN H 73 21.77 17.30 14.86
N ALA H 74 22.97 17.10 14.34
CA ALA H 74 23.26 17.55 12.98
C ALA H 74 22.48 16.73 11.95
N ARG H 75 22.34 15.42 12.19
CA ARG H 75 21.53 14.55 11.36
C ARG H 75 20.07 14.52 11.79
N LYS H 76 19.75 15.03 12.98
CA LYS H 76 18.39 15.01 13.51
C LYS H 76 17.88 13.57 13.56
N MET H 77 18.57 12.75 14.33
CA MET H 77 18.24 11.35 14.46
C MET H 77 18.48 10.90 15.90
N VAL H 78 17.74 9.88 16.32
CA VAL H 78 17.89 9.29 17.65
C VAL H 78 18.03 7.79 17.50
N TYR H 79 18.96 7.21 18.25
CA TYR H 79 19.30 5.81 18.09
C TYR H 79 19.22 5.14 19.47
N LEU H 80 18.86 3.86 19.44
CA LEU H 80 18.75 3.03 20.64
C LEU H 80 19.63 1.80 20.43
N GLN H 81 20.72 1.72 21.19
CA GLN H 81 21.55 0.52 21.21
C GLN H 81 20.99 -0.46 22.25
N MET H 82 20.70 -1.68 21.80
CA MET H 82 20.07 -2.69 22.64
C MET H 82 21.05 -3.84 22.81
N ASN H 83 21.76 -3.86 23.93
CA ASN H 83 22.72 -4.92 24.25
C ASN H 83 22.08 -5.94 25.18
N SER H 84 22.61 -7.16 25.13
CA SER H 84 22.17 -8.25 26.00
C SER H 84 20.66 -8.38 26.00
N LEU H 85 20.08 -8.46 24.80
CA LEU H 85 18.65 -8.63 24.67
C LEU H 85 18.18 -9.92 25.33
N LYS H 86 16.97 -9.87 25.88
CA LYS H 86 16.34 -11.00 26.54
C LYS H 86 14.91 -11.15 26.04
N PRO H 87 14.30 -12.31 26.24
CA PRO H 87 12.97 -12.55 25.66
C PRO H 87 11.94 -11.49 26.05
N GLU H 88 12.02 -10.94 27.26
CA GLU H 88 11.07 -9.93 27.71
C GLU H 88 11.18 -8.61 26.95
N ASP H 89 12.26 -8.40 26.20
CA ASP H 89 12.43 -7.17 25.42
C ASP H 89 11.72 -7.22 24.08
N THR H 90 10.96 -8.29 23.79
CA THR H 90 10.27 -8.42 22.52
C THR H 90 9.04 -7.52 22.47
N ALA H 91 8.93 -6.73 21.41
CA ALA H 91 7.82 -5.80 21.24
C ALA H 91 8.01 -4.93 20.01
N VAL H 92 7.01 -4.10 19.71
CA VAL H 92 7.14 -3.08 18.67
C VAL H 92 7.62 -1.80 19.35
N TYR H 93 8.74 -1.27 18.89
CA TYR H 93 9.33 -0.06 19.47
C TYR H 93 8.98 1.12 18.58
N TYR H 94 8.45 2.17 19.22
CA TYR H 94 8.09 3.42 18.57
C TYR H 94 9.07 4.50 19.03
N CYS H 95 9.39 5.42 18.12
CA CYS H 95 10.16 6.60 18.45
C CYS H 95 9.23 7.81 18.41
N ASN H 96 9.20 8.58 19.49
CA ASN H 96 8.47 9.84 19.51
C ASN H 96 9.45 11.00 19.56
N ALA H 97 9.01 12.12 19.01
CA ALA H 97 9.77 13.36 19.03
C ALA H 97 8.84 14.50 19.40
N VAL H 98 9.26 15.29 20.38
CA VAL H 98 8.51 16.47 20.82
C VAL H 98 9.22 17.70 20.27
N VAL H 99 8.52 18.42 19.40
CA VAL H 99 9.03 19.63 18.78
C VAL H 99 8.32 20.82 19.41
N GLY H 100 9.08 21.87 19.69
CA GLY H 100 8.54 23.07 20.28
C GLY H 100 8.67 24.27 19.36
N ASN H 101 7.59 25.02 19.19
CA ASN H 101 7.58 26.14 18.26
C ASN H 101 6.76 27.29 18.82
N TRP H 102 7.16 28.51 18.45
CA TRP H 102 6.47 29.72 18.88
C TRP H 102 5.43 30.14 17.84
N TYR H 103 4.25 30.53 18.33
CA TYR H 103 3.27 31.21 17.51
C TYR H 103 2.93 32.53 18.20
N THR H 104 2.16 33.35 17.49
CA THR H 104 1.74 34.64 18.06
C THR H 104 1.10 34.47 19.43
N SER H 105 0.50 33.31 19.71
CA SER H 105 -0.18 33.07 20.97
C SER H 105 0.72 32.46 22.05
N GLY H 106 1.89 31.96 21.69
CA GLY H 106 2.82 31.45 22.67
C GLY H 106 3.56 30.23 22.13
N TYR H 107 4.35 29.62 23.01
CA TYR H 107 5.20 28.48 22.65
C TYR H 107 4.50 27.17 22.97
N TYR H 108 4.30 26.34 21.95
CA TYR H 108 3.61 25.08 22.11
C TYR H 108 4.58 23.93 21.81
N GLU H 109 4.40 22.83 22.53
CA GLU H 109 5.08 21.57 22.25
C GLU H 109 4.10 20.58 21.64
N ASP H 110 4.56 19.82 20.65
CA ASP H 110 3.76 18.82 19.98
C ASP H 110 4.54 17.52 19.85
N THR H 111 3.87 16.41 20.12
CA THR H 111 4.47 15.08 20.07
C THR H 111 4.08 14.41 18.76
N TYR H 112 5.08 13.96 18.01
CA TYR H 112 4.90 13.15 16.81
C TYR H 112 5.48 11.76 17.05
N TRP H 113 4.91 10.76 16.38
CA TRP H 113 5.25 9.37 16.60
C TRP H 113 5.79 8.73 15.32
N GLY H 114 6.50 7.61 15.50
CA GLY H 114 7.11 6.88 14.41
C GLY H 114 6.28 5.68 13.99
N GLN H 115 6.69 5.08 12.88
CA GLN H 115 5.93 3.97 12.31
C GLN H 115 5.95 2.74 13.21
N GLY H 116 6.98 2.57 14.04
CA GLY H 116 7.10 1.39 14.86
C GLY H 116 7.84 0.28 14.16
N THR H 117 8.77 -0.37 14.86
CA THR H 117 9.59 -1.43 14.29
C THR H 117 9.59 -2.63 15.22
N GLN H 118 9.49 -3.82 14.65
CA GLN H 118 9.41 -5.04 15.44
C GLN H 118 10.77 -5.45 15.95
N VAL H 119 10.82 -5.90 17.20
CA VAL H 119 12.01 -6.46 17.81
C VAL H 119 11.59 -7.77 18.48
N THR H 120 12.16 -8.87 18.01
CA THR H 120 11.81 -10.19 18.53
C THR H 120 13.07 -10.90 19.03
N VAL H 121 12.91 -11.66 20.11
CA VAL H 121 14.01 -12.36 20.76
C VAL H 121 13.57 -13.79 21.02
N SER H 122 14.25 -14.75 20.41
CA SER H 122 13.90 -16.15 20.55
C SER H 122 14.99 -17.06 20.00
#